data_6S49
#
_entry.id   6S49
#
_cell.length_a   59.980
_cell.length_b   109.822
_cell.length_c   157.281
_cell.angle_alpha   90.00
_cell.angle_beta   90.00
_cell.angle_gamma   90.00
#
_symmetry.space_group_name_H-M   'P 2 21 21'
#
loop_
_entity.id
_entity.type
_entity.pdbx_description
1 polymer 'Homospermidine synthase'
2 non-polymer AGMATINE
3 non-polymer 'SULFATE ION'
4 non-polymer NICOTINAMIDE-ADENINE-DINUCLEOTIDE
5 water water
#
_entity_poly.entity_id   1
_entity_poly.type   'polypeptide(L)'
_entity_poly.pdbx_seq_one_letter_code
;GPMGTDWPVYHRIDGPIVMIGFGSIGRGTLPLIERHFAFDRSKLVVIDPSDEARKLAEARGVRFIQQAVTRDNYRELLVP
LLTAGPGQGFCVNLSVDTSSLDIMELARENGALYIDTVVEPWLGFYFDPDLKPEARSNYALRETVLAARRNKPGGTTAVS
CCGANPGMVSWFVKQALVNLAADLGVTGEEPTTREEWARLAMDLGVKGIHIAARDTQRASFPKPFDVFVNTWSVEGFVSE
GLQPAELGWGTFERWMPDNARGHDSGCGAGIYLLQPGANTRVRSWTPTAMAQYGFLVTHNESISIADFLTVRDAAGQAVY
RPTCHYAYHPCNDAVLSLHEMFGSGKRQSDWRILDETEIVDGIDELGVLLYGHGKNAYWYGSQLSIEETRRIAPDQNATG
LQVSSAVLAGMVWALENPNAGIVEADDLDFRRCLEVQTPYLGPVVGVYTDWTPLAGRPGLFPEDIDTSDPWQFRNVLVRD
;
_entity_poly.pdbx_strand_id   A,B
#
loop_
_chem_comp.id
_chem_comp.type
_chem_comp.name
_chem_comp.formula
AG2 non-polymer AGMATINE 'C5 H14 N4'
NAD non-polymer NICOTINAMIDE-ADENINE-DINUCLEOTIDE 'C21 H27 N7 O14 P2'
SO4 non-polymer 'SULFATE ION' 'O4 S -2'
#
# COMPACT_ATOMS: atom_id res chain seq x y z
N ASP A 6 -21.90 -27.81 -27.98
CA ASP A 6 -21.06 -29.00 -27.93
C ASP A 6 -20.17 -28.95 -26.69
N TRP A 7 -20.56 -28.13 -25.72
CA TRP A 7 -20.00 -28.23 -24.39
C TRP A 7 -20.30 -29.62 -23.81
N PRO A 8 -19.37 -30.24 -23.10
CA PRO A 8 -19.63 -31.59 -22.57
C PRO A 8 -20.68 -31.56 -21.47
N VAL A 9 -21.64 -32.47 -21.56
CA VAL A 9 -22.58 -32.73 -20.48
C VAL A 9 -22.07 -33.96 -19.74
N TYR A 10 -21.54 -33.74 -18.54
CA TYR A 10 -20.82 -34.80 -17.86
C TYR A 10 -21.76 -35.84 -17.26
N HIS A 11 -22.87 -35.40 -16.68
CA HIS A 11 -23.78 -36.30 -15.98
C HIS A 11 -25.15 -35.68 -15.87
N ARG A 12 -26.14 -36.52 -15.62
CA ARG A 12 -27.44 -36.04 -15.19
C ARG A 12 -27.49 -35.99 -13.67
N ILE A 13 -28.08 -34.93 -13.14
CA ILE A 13 -28.34 -34.82 -11.70
C ILE A 13 -29.83 -35.05 -11.51
N ASP A 14 -30.17 -36.06 -10.72
CA ASP A 14 -31.56 -36.48 -10.59
C ASP A 14 -32.31 -35.73 -9.51
N GLY A 15 -31.60 -35.27 -8.47
CA GLY A 15 -32.23 -34.66 -7.33
C GLY A 15 -32.16 -33.14 -7.33
N PRO A 16 -32.51 -32.56 -6.20
CA PRO A 16 -32.51 -31.10 -6.10
C PRO A 16 -31.10 -30.56 -6.07
N ILE A 17 -30.94 -29.40 -6.68
CA ILE A 17 -29.68 -28.67 -6.66
C ILE A 17 -29.94 -27.42 -5.83
N VAL A 18 -29.37 -27.37 -4.63
CA VAL A 18 -29.66 -26.33 -3.67
C VAL A 18 -28.45 -25.41 -3.61
N MET A 19 -28.56 -24.23 -4.21
CA MET A 19 -27.49 -23.25 -4.21
CA MET A 19 -27.49 -23.24 -4.23
C MET A 19 -27.74 -22.26 -3.10
N ILE A 20 -26.83 -22.22 -2.13
CA ILE A 20 -26.90 -21.33 -1.00
C ILE A 20 -25.95 -20.19 -1.29
N GLY A 21 -26.49 -19.00 -1.44
CA GLY A 21 -25.70 -17.86 -1.84
C GLY A 21 -25.72 -17.62 -3.34
N PHE A 22 -25.98 -16.39 -3.74
CA PHE A 22 -26.02 -16.03 -5.14
C PHE A 22 -25.38 -14.65 -5.30
N GLY A 23 -24.12 -14.57 -4.90
CA GLY A 23 -23.28 -13.41 -5.17
C GLY A 23 -22.41 -13.65 -6.38
N SER A 24 -21.18 -13.13 -6.35
CA SER A 24 -20.37 -13.15 -7.56
C SER A 24 -20.07 -14.59 -8.00
N ILE A 25 -19.82 -15.51 -7.06
CA ILE A 25 -19.47 -16.86 -7.46
C ILE A 25 -20.71 -17.67 -7.81
N GLY A 26 -21.79 -17.54 -7.03
CA GLY A 26 -23.03 -18.20 -7.39
C GLY A 26 -23.49 -17.81 -8.79
N ARG A 27 -23.38 -16.52 -9.12
CA ARG A 27 -23.81 -16.05 -10.44
C ARG A 27 -22.95 -16.63 -11.56
N GLY A 28 -21.66 -16.84 -11.30
CA GLY A 28 -20.79 -17.45 -12.30
C GLY A 28 -20.89 -18.96 -12.36
N THR A 29 -21.33 -19.60 -11.28
CA THR A 29 -21.39 -21.06 -11.21
C THR A 29 -22.69 -21.62 -11.78
N LEU A 30 -23.81 -20.95 -11.52
CA LEU A 30 -25.10 -21.41 -12.04
C LEU A 30 -25.06 -21.68 -13.54
N PRO A 31 -24.54 -20.79 -14.38
CA PRO A 31 -24.54 -21.08 -15.82
C PRO A 31 -23.68 -22.27 -16.18
N LEU A 32 -22.60 -22.52 -15.43
CA LEU A 32 -21.80 -23.71 -15.69
C LEU A 32 -22.55 -24.98 -15.31
N ILE A 33 -23.32 -24.94 -14.22
CA ILE A 33 -24.11 -26.09 -13.82
C ILE A 33 -25.15 -26.40 -14.88
N GLU A 34 -25.82 -25.36 -15.38
CA GLU A 34 -26.82 -25.54 -16.43
C GLU A 34 -26.19 -26.06 -17.71
N ARG A 35 -24.96 -25.63 -17.98
CA ARG A 35 -24.28 -26.01 -19.22
C ARG A 35 -23.83 -27.46 -19.18
N HIS A 36 -23.37 -27.93 -18.03
CA HIS A 36 -22.58 -29.16 -17.98
C HIS A 36 -23.28 -30.32 -17.30
N PHE A 37 -24.49 -30.13 -16.79
CA PHE A 37 -25.25 -31.22 -16.20
C PHE A 37 -26.66 -31.24 -16.79
N ALA A 38 -27.23 -32.44 -16.87
CA ALA A 38 -28.59 -32.61 -17.34
C ALA A 38 -29.54 -32.66 -16.14
N PHE A 39 -30.58 -31.83 -16.17
CA PHE A 39 -31.58 -31.80 -15.11
C PHE A 39 -32.70 -30.85 -15.51
N ASP A 40 -33.88 -31.07 -14.93
CA ASP A 40 -34.97 -30.12 -15.12
C ASP A 40 -34.66 -28.84 -14.34
N ARG A 41 -34.71 -27.71 -15.03
CA ARG A 41 -34.39 -26.42 -14.41
C ARG A 41 -35.19 -26.20 -13.13
N SER A 42 -36.40 -26.79 -13.03
CA SER A 42 -37.24 -26.54 -11.87
C SER A 42 -36.69 -27.16 -10.59
N LYS A 43 -35.72 -28.06 -10.70
CA LYS A 43 -35.13 -28.72 -9.54
C LYS A 43 -34.05 -27.88 -8.88
N LEU A 44 -33.62 -26.81 -9.54
N LEU A 44 -33.64 -26.78 -9.49
CA LEU A 44 -32.75 -25.83 -8.93
CA LEU A 44 -32.64 -25.91 -8.89
C LEU A 44 -33.51 -25.00 -7.92
C LEU A 44 -33.33 -24.83 -8.06
N VAL A 45 -32.84 -24.63 -6.84
CA VAL A 45 -33.38 -23.62 -5.92
C VAL A 45 -32.21 -22.81 -5.41
N VAL A 46 -32.38 -21.49 -5.37
CA VAL A 46 -31.38 -20.54 -4.92
C VAL A 46 -31.89 -19.88 -3.63
N ILE A 47 -31.04 -19.82 -2.61
CA ILE A 47 -31.37 -19.21 -1.33
C ILE A 47 -30.40 -18.07 -1.10
N ASP A 48 -30.94 -16.86 -0.90
CA ASP A 48 -30.09 -15.71 -0.63
C ASP A 48 -30.96 -14.60 -0.04
N PRO A 49 -30.49 -13.88 0.97
CA PRO A 49 -31.34 -12.87 1.60
C PRO A 49 -31.51 -11.57 0.82
N SER A 50 -30.72 -11.31 -0.21
CA SER A 50 -30.67 -9.98 -0.82
C SER A 50 -31.65 -9.82 -1.97
N ASP A 51 -32.23 -8.61 -2.09
CA ASP A 51 -33.09 -8.31 -3.23
C ASP A 51 -32.32 -8.37 -4.54
N GLU A 52 -31.07 -7.91 -4.54
CA GLU A 52 -30.22 -7.98 -5.71
C GLU A 52 -30.15 -9.40 -6.25
N ALA A 53 -29.88 -10.37 -5.37
CA ALA A 53 -29.83 -11.76 -5.79
C ALA A 53 -31.18 -12.24 -6.30
N ARG A 54 -32.26 -11.83 -5.63
CA ARG A 54 -33.58 -12.29 -6.05
C ARG A 54 -33.89 -11.87 -7.48
N LYS A 55 -33.63 -10.61 -7.80
CA LYS A 55 -33.96 -10.12 -9.13
C LYS A 55 -33.14 -10.85 -10.19
N LEU A 56 -31.87 -11.13 -9.91
CA LEU A 56 -31.05 -11.88 -10.87
C LEU A 56 -31.58 -13.30 -11.05
N ALA A 57 -31.93 -13.97 -9.95
CA ALA A 57 -32.51 -15.32 -10.06
C ALA A 57 -33.82 -15.31 -10.82
N GLU A 58 -34.69 -14.34 -10.54
CA GLU A 58 -35.95 -14.26 -11.27
C GLU A 58 -35.71 -14.02 -12.75
N ALA A 59 -34.69 -13.22 -13.08
CA ALA A 59 -34.36 -13.00 -14.48
C ALA A 59 -33.95 -14.29 -15.18
N ARG A 60 -33.41 -15.24 -14.43
CA ARG A 60 -33.02 -16.54 -14.96
C ARG A 60 -34.11 -17.59 -14.86
N GLY A 61 -35.29 -17.24 -14.34
CA GLY A 61 -36.38 -18.19 -14.21
C GLY A 61 -36.08 -19.34 -13.27
N VAL A 62 -35.29 -19.11 -12.22
CA VAL A 62 -34.96 -20.16 -11.27
C VAL A 62 -35.65 -19.85 -9.95
N ARG A 63 -36.08 -20.93 -9.29
CA ARG A 63 -36.74 -20.81 -8.00
C ARG A 63 -35.83 -20.14 -6.99
N PHE A 64 -36.40 -19.21 -6.22
CA PHE A 64 -35.65 -18.40 -5.29
C PHE A 64 -36.36 -18.32 -3.96
N ILE A 65 -35.60 -18.46 -2.88
CA ILE A 65 -36.07 -18.27 -1.53
C ILE A 65 -35.25 -17.15 -0.90
N GLN A 66 -35.91 -16.05 -0.54
CA GLN A 66 -35.20 -14.89 -0.01
C GLN A 66 -35.11 -15.01 1.51
N GLN A 67 -34.11 -15.77 1.96
CA GLN A 67 -33.88 -15.98 3.38
C GLN A 67 -32.39 -16.03 3.62
N ALA A 68 -31.98 -15.51 4.77
CA ALA A 68 -30.67 -15.81 5.31
C ALA A 68 -30.71 -17.15 6.03
N VAL A 69 -29.81 -18.06 5.65
CA VAL A 69 -29.61 -19.30 6.39
C VAL A 69 -28.89 -18.97 7.69
N THR A 70 -29.45 -19.41 8.83
CA THR A 70 -28.89 -19.08 10.14
C THR A 70 -28.80 -20.34 11.00
N ARG A 71 -28.07 -20.24 12.12
CA ARG A 71 -28.03 -21.38 13.03
C ARG A 71 -29.43 -21.76 13.49
N ASP A 72 -30.30 -20.78 13.65
CA ASP A 72 -31.64 -21.04 14.16
C ASP A 72 -32.56 -21.69 13.13
N ASN A 73 -32.38 -21.42 11.84
CA ASN A 73 -33.33 -21.93 10.86
C ASN A 73 -32.77 -22.95 9.89
N TYR A 74 -31.47 -23.27 9.93
CA TYR A 74 -30.92 -23.98 8.80
C TYR A 74 -31.48 -25.41 8.70
N ARG A 75 -31.78 -26.04 9.83
CA ARG A 75 -32.30 -27.41 9.75
C ARG A 75 -33.70 -27.42 9.16
N GLU A 76 -34.57 -26.56 9.64
CA GLU A 76 -35.95 -26.57 9.16
C GLU A 76 -36.02 -26.06 7.73
N LEU A 77 -35.13 -25.15 7.35
CA LEU A 77 -35.14 -24.58 6.01
C LEU A 77 -34.59 -25.56 4.99
N LEU A 78 -33.45 -26.20 5.29
CA LEU A 78 -32.72 -26.94 4.28
C LEU A 78 -33.12 -28.40 4.13
N VAL A 79 -33.52 -29.09 5.20
CA VAL A 79 -33.78 -30.53 5.07
C VAL A 79 -34.86 -30.80 4.03
N PRO A 80 -35.98 -30.08 4.00
CA PRO A 80 -36.97 -30.35 2.94
C PRO A 80 -36.42 -30.13 1.55
N LEU A 81 -35.56 -29.12 1.38
CA LEU A 81 -34.99 -28.87 0.05
C LEU A 81 -34.01 -29.98 -0.34
N LEU A 82 -33.21 -30.45 0.61
CA LEU A 82 -32.17 -31.42 0.26
C LEU A 82 -32.75 -32.80 -0.03
N THR A 83 -33.93 -33.09 0.51
CA THR A 83 -34.53 -34.42 0.42
C THR A 83 -35.73 -34.46 -0.50
N ALA A 84 -35.94 -33.43 -1.32
CA ALA A 84 -37.13 -33.39 -2.17
C ALA A 84 -37.14 -34.48 -3.25
N GLY A 85 -36.00 -35.09 -3.52
CA GLY A 85 -35.92 -36.17 -4.49
C GLY A 85 -36.06 -35.69 -5.92
N PRO A 86 -36.24 -36.63 -6.87
CA PRO A 86 -36.40 -38.08 -6.64
C PRO A 86 -35.15 -38.79 -6.19
N GLY A 87 -33.98 -38.25 -6.52
CA GLY A 87 -32.74 -38.91 -6.16
C GLY A 87 -31.85 -38.07 -5.27
N GLN A 88 -30.55 -38.33 -5.36
CA GLN A 88 -29.55 -37.63 -4.56
C GLN A 88 -29.47 -36.15 -4.97
N GLY A 89 -29.55 -35.28 -3.98
CA GLY A 89 -29.41 -33.86 -4.24
C GLY A 89 -27.97 -33.41 -4.10
N PHE A 90 -27.74 -32.15 -4.46
CA PHE A 90 -26.41 -31.57 -4.38
C PHE A 90 -26.55 -30.17 -3.79
N CYS A 91 -25.93 -29.96 -2.64
CA CYS A 91 -25.90 -28.65 -1.98
C CYS A 91 -24.65 -27.93 -2.47
N VAL A 92 -24.83 -26.81 -3.14
CA VAL A 92 -23.76 -26.01 -3.71
C VAL A 92 -23.70 -24.74 -2.87
N ASN A 93 -22.75 -24.67 -1.95
CA ASN A 93 -22.73 -23.62 -0.94
C ASN A 93 -21.70 -22.57 -1.32
N LEU A 94 -22.16 -21.38 -1.65
CA LEU A 94 -21.35 -20.26 -2.13
C LEU A 94 -21.76 -19.00 -1.39
N SER A 95 -21.87 -19.11 -0.07
CA SER A 95 -22.43 -18.05 0.76
C SER A 95 -21.36 -17.47 1.69
N VAL A 96 -21.73 -16.37 2.35
CA VAL A 96 -21.00 -15.89 3.53
C VAL A 96 -21.93 -16.04 4.73
N ASP A 97 -21.35 -15.99 5.94
CA ASP A 97 -22.08 -15.88 7.20
C ASP A 97 -22.77 -17.17 7.61
N THR A 98 -22.48 -18.28 6.95
CA THR A 98 -23.08 -19.58 7.22
C THR A 98 -22.01 -20.58 7.64
N SER A 99 -22.40 -21.54 8.48
CA SER A 99 -21.46 -22.56 8.93
C SER A 99 -21.33 -23.65 7.88
N SER A 100 -20.18 -23.68 7.22
CA SER A 100 -19.89 -24.77 6.29
C SER A 100 -19.99 -26.12 6.97
N LEU A 101 -19.48 -26.25 8.20
CA LEU A 101 -19.46 -27.54 8.87
C LEU A 101 -20.87 -28.02 9.18
N ASP A 102 -21.70 -27.13 9.73
CA ASP A 102 -23.07 -27.54 10.09
C ASP A 102 -23.88 -27.86 8.83
N ILE A 103 -23.71 -27.10 7.76
CA ILE A 103 -24.50 -27.38 6.56
C ILE A 103 -24.01 -28.66 5.90
N MET A 104 -22.69 -28.86 5.83
CA MET A 104 -22.14 -30.09 5.25
C MET A 104 -22.59 -31.32 6.02
N GLU A 105 -22.60 -31.24 7.35
CA GLU A 105 -23.06 -32.38 8.15
C GLU A 105 -24.53 -32.66 7.93
N LEU A 106 -25.32 -31.61 7.77
CA LEU A 106 -26.74 -31.76 7.47
C LEU A 106 -26.96 -32.41 6.11
N ALA A 107 -26.19 -31.97 5.11
CA ALA A 107 -26.27 -32.61 3.80
C ALA A 107 -25.92 -34.09 3.90
N ARG A 108 -24.82 -34.41 4.58
CA ARG A 108 -24.39 -35.80 4.65
C ARG A 108 -25.42 -36.66 5.36
N GLU A 109 -25.98 -36.19 6.46
CA GLU A 109 -26.93 -37.07 7.14
C GLU A 109 -28.22 -37.22 6.35
N ASN A 110 -28.47 -36.34 5.39
CA ASN A 110 -29.63 -36.52 4.52
C ASN A 110 -29.27 -37.06 3.15
N GLY A 111 -28.04 -37.56 2.98
CA GLY A 111 -27.67 -38.20 1.72
C GLY A 111 -27.46 -37.27 0.54
N ALA A 112 -27.24 -35.98 0.78
CA ALA A 112 -27.03 -35.02 -0.30
C ALA A 112 -25.55 -34.71 -0.43
N LEU A 113 -25.09 -34.63 -1.67
CA LEU A 113 -23.71 -34.23 -1.91
C LEU A 113 -23.54 -32.77 -1.51
N TYR A 114 -22.30 -32.36 -1.27
CA TYR A 114 -22.01 -31.02 -0.80
C TYR A 114 -20.69 -30.52 -1.36
N ILE A 115 -20.64 -29.22 -1.67
CA ILE A 115 -19.40 -28.55 -2.04
C ILE A 115 -19.44 -27.11 -1.54
N ASP A 116 -18.28 -26.61 -1.13
CA ASP A 116 -18.14 -25.20 -0.79
C ASP A 116 -16.73 -24.76 -1.16
N THR A 117 -16.42 -23.49 -0.85
CA THR A 117 -15.15 -22.91 -1.25
C THR A 117 -14.42 -22.26 -0.07
N VAL A 118 -14.87 -22.49 1.15
CA VAL A 118 -14.35 -21.85 2.34
C VAL A 118 -14.94 -22.60 3.52
N VAL A 119 -14.20 -22.70 4.63
CA VAL A 119 -14.76 -23.15 5.91
C VAL A 119 -15.30 -21.90 6.60
N GLU A 120 -16.51 -21.54 6.28
CA GLU A 120 -17.12 -20.35 6.83
C GLU A 120 -17.82 -20.68 8.15
N PRO A 121 -17.83 -19.74 9.10
CA PRO A 121 -18.56 -19.92 10.36
C PRO A 121 -19.87 -19.16 10.38
N TRP A 122 -20.77 -19.51 11.30
CA TRP A 122 -21.99 -18.74 11.48
C TRP A 122 -21.63 -17.29 11.78
N LEU A 123 -22.46 -16.39 11.25
CA LEU A 123 -22.35 -14.96 11.51
C LEU A 123 -22.06 -14.70 12.98
N GLY A 124 -21.05 -13.87 13.22
CA GLY A 124 -20.65 -13.48 14.56
C GLY A 124 -19.24 -13.91 14.91
N PHE A 125 -18.75 -14.96 14.27
CA PHE A 125 -17.48 -15.57 14.64
C PHE A 125 -16.30 -14.65 14.32
N TYR A 126 -16.27 -14.07 13.12
CA TYR A 126 -15.03 -13.42 12.67
C TYR A 126 -14.69 -12.19 13.51
N PHE A 127 -15.69 -11.59 14.17
CA PHE A 127 -15.48 -10.38 14.96
C PHE A 127 -15.86 -10.58 16.43
N ASP A 128 -15.97 -11.82 16.89
CA ASP A 128 -16.31 -12.08 18.29
C ASP A 128 -15.15 -11.68 19.19
N PRO A 129 -15.29 -10.65 20.04
CA PRO A 129 -14.15 -10.21 20.85
C PRO A 129 -13.76 -11.17 21.97
N ASP A 130 -14.56 -12.19 22.26
CA ASP A 130 -14.23 -13.15 23.32
C ASP A 130 -13.37 -14.31 22.84
N LEU A 131 -13.12 -14.42 21.54
CA LEU A 131 -12.31 -15.50 21.00
C LEU A 131 -10.84 -15.16 21.07
N LYS A 132 -10.03 -16.13 21.47
CA LYS A 132 -8.58 -15.99 21.34
C LYS A 132 -8.19 -15.99 19.86
N PRO A 133 -7.11 -15.29 19.50
CA PRO A 133 -6.70 -15.27 18.08
C PRO A 133 -6.56 -16.66 17.49
N GLU A 134 -6.06 -17.61 18.27
CA GLU A 134 -5.89 -18.97 17.76
C GLU A 134 -7.21 -19.55 17.30
N ALA A 135 -8.29 -19.26 18.05
CA ALA A 135 -9.61 -19.80 17.72
C ALA A 135 -10.19 -19.16 16.47
N ARG A 136 -9.71 -17.97 16.07
CA ARG A 136 -10.18 -17.33 14.85
C ARG A 136 -9.39 -17.75 13.63
N SER A 137 -8.43 -18.67 13.78
CA SER A 137 -7.56 -19.07 12.69
C SER A 137 -8.28 -20.04 11.75
N ASN A 138 -7.82 -20.09 10.50
CA ASN A 138 -8.36 -21.08 9.57
C ASN A 138 -7.90 -22.49 9.95
N TYR A 139 -6.75 -22.60 10.62
CA TYR A 139 -6.34 -23.88 11.17
C TYR A 139 -7.40 -24.43 12.10
N ALA A 140 -7.87 -23.60 13.03
CA ALA A 140 -8.90 -24.03 13.98
C ALA A 140 -10.19 -24.40 13.26
N LEU A 141 -10.62 -23.57 12.32
CA LEU A 141 -11.82 -23.91 11.54
C LEU A 141 -11.64 -25.22 10.77
N ARG A 142 -10.50 -25.40 10.12
CA ARG A 142 -10.27 -26.65 9.38
C ARG A 142 -10.28 -27.83 10.33
N GLU A 143 -9.77 -27.66 11.54
CA GLU A 143 -9.74 -28.78 12.47
C GLU A 143 -11.16 -29.24 12.83
N THR A 144 -12.16 -28.36 12.75
CA THR A 144 -13.53 -28.83 13.02
C THR A 144 -13.98 -29.78 11.93
N VAL A 145 -13.53 -29.56 10.69
CA VAL A 145 -13.86 -30.43 9.57
C VAL A 145 -13.14 -31.77 9.70
N LEU A 146 -11.85 -31.73 10.06
CA LEU A 146 -11.10 -32.98 10.26
C LEU A 146 -11.69 -33.80 11.41
N ALA A 147 -12.14 -33.12 12.47
CA ALA A 147 -12.77 -33.83 13.58
C ALA A 147 -14.08 -34.47 13.14
N ALA A 148 -14.84 -33.77 12.30
CA ALA A 148 -16.10 -34.32 11.80
C ALA A 148 -15.85 -35.56 10.95
N ARG A 149 -14.78 -35.54 10.16
CA ARG A 149 -14.42 -36.70 9.36
C ARG A 149 -14.04 -37.88 10.24
N ARG A 150 -13.24 -37.64 11.29
CA ARG A 150 -12.86 -38.74 12.17
C ARG A 150 -14.10 -39.33 12.83
N ASN A 151 -15.07 -38.49 13.14
CA ASN A 151 -16.25 -38.94 13.86
C ASN A 151 -17.16 -39.76 12.96
N LYS A 152 -17.23 -39.40 11.69
CA LYS A 152 -18.07 -40.07 10.70
C LYS A 152 -17.27 -40.31 9.43
N PRO A 153 -16.39 -41.30 9.42
CA PRO A 153 -15.62 -41.59 8.21
C PRO A 153 -16.49 -42.16 7.10
N GLY A 154 -16.05 -41.95 5.88
CA GLY A 154 -16.81 -42.40 4.74
C GLY A 154 -18.17 -41.73 4.66
N GLY A 155 -19.07 -42.38 3.93
CA GLY A 155 -20.39 -41.83 3.71
C GLY A 155 -20.41 -40.87 2.54
N THR A 156 -21.51 -40.10 2.46
CA THR A 156 -21.76 -39.24 1.32
C THR A 156 -20.63 -38.23 1.16
N THR A 157 -20.25 -37.98 -0.08
CA THR A 157 -19.16 -37.06 -0.36
C THR A 157 -19.53 -35.62 -0.02
N ALA A 158 -18.63 -34.94 0.67
CA ALA A 158 -18.73 -33.51 0.90
C ALA A 158 -17.35 -32.93 0.63
N VAL A 159 -17.30 -31.98 -0.29
CA VAL A 159 -16.04 -31.42 -0.78
C VAL A 159 -15.84 -30.07 -0.11
N SER A 160 -14.85 -29.98 0.77
CA SER A 160 -14.55 -28.75 1.49
C SER A 160 -13.49 -27.94 0.74
N CYS A 161 -13.79 -26.67 0.50
CA CYS A 161 -12.82 -25.68 0.01
C CYS A 161 -12.33 -25.99 -1.41
N CYS A 162 -13.29 -26.07 -2.34
CA CYS A 162 -13.01 -26.40 -3.72
C CYS A 162 -13.36 -25.23 -4.63
N GLY A 163 -12.71 -24.10 -4.43
CA GLY A 163 -12.74 -22.97 -5.33
C GLY A 163 -11.46 -22.91 -6.14
N ALA A 164 -11.03 -21.68 -6.45
CA ALA A 164 -9.76 -21.49 -7.13
C ALA A 164 -8.59 -21.65 -6.16
N ASN A 165 -8.65 -20.95 -5.05
CA ASN A 165 -7.67 -21.06 -3.98
C ASN A 165 -8.33 -20.67 -2.67
N PRO A 166 -8.61 -21.62 -1.76
CA PRO A 166 -8.35 -23.06 -1.87
C PRO A 166 -9.16 -23.73 -2.98
N GLY A 167 -8.62 -24.84 -3.45
CA GLY A 167 -9.25 -25.69 -4.46
C GLY A 167 -8.28 -26.06 -5.57
N MET A 168 -8.47 -25.45 -6.73
CA MET A 168 -7.66 -25.65 -7.92
C MET A 168 -6.17 -25.71 -7.61
N VAL A 169 -5.69 -24.82 -6.74
CA VAL A 169 -4.25 -24.73 -6.53
C VAL A 169 -3.69 -26.04 -5.96
N SER A 170 -4.49 -26.82 -5.23
CA SER A 170 -4.05 -28.16 -4.82
C SER A 170 -3.71 -29.02 -6.02
N TRP A 171 -4.53 -28.97 -7.08
CA TRP A 171 -4.26 -29.73 -8.29
C TRP A 171 -3.03 -29.21 -9.01
N PHE A 172 -2.85 -27.88 -9.02
CA PHE A 172 -1.63 -27.29 -9.58
C PHE A 172 -0.37 -27.79 -8.86
N VAL A 173 -0.45 -27.95 -7.53
CA VAL A 173 0.71 -28.43 -6.81
C VAL A 173 1.07 -29.83 -7.27
N LYS A 174 0.08 -30.69 -7.47
CA LYS A 174 0.40 -32.03 -7.94
C LYS A 174 1.01 -31.99 -9.34
N GLN A 175 0.42 -31.21 -10.26
CA GLN A 175 0.98 -31.15 -11.60
C GLN A 175 2.38 -30.58 -11.57
N ALA A 176 2.63 -29.58 -10.71
CA ALA A 176 3.95 -28.97 -10.63
C ALA A 176 4.96 -29.96 -10.08
N LEU A 177 4.58 -30.77 -9.09
CA LEU A 177 5.50 -31.79 -8.58
C LEU A 177 5.87 -32.78 -9.68
N VAL A 178 4.90 -33.16 -10.51
CA VAL A 178 5.17 -34.07 -11.61
C VAL A 178 6.14 -33.43 -12.60
N ASN A 179 5.90 -32.16 -12.94
CA ASN A 179 6.78 -31.48 -13.88
C ASN A 179 8.18 -31.32 -13.29
N LEU A 180 8.27 -30.97 -12.01
CA LEU A 180 9.57 -30.81 -11.39
C LEU A 180 10.35 -32.11 -11.42
N ALA A 181 9.67 -33.22 -11.13
CA ALA A 181 10.33 -34.53 -11.12
C ALA A 181 10.94 -34.83 -12.48
N ALA A 182 10.19 -34.59 -13.56
CA ALA A 182 10.73 -34.82 -14.90
C ALA A 182 11.92 -33.90 -15.18
N ASP A 183 11.79 -32.63 -14.83
CA ASP A 183 12.83 -31.66 -15.17
C ASP A 183 14.08 -31.86 -14.32
N LEU A 184 13.93 -32.42 -13.12
CA LEU A 184 15.06 -32.68 -12.23
C LEU A 184 15.59 -34.10 -12.35
N GLY A 185 14.95 -34.95 -13.15
CA GLY A 185 15.42 -36.31 -13.30
C GLY A 185 15.13 -37.23 -12.13
N VAL A 186 14.07 -36.97 -11.38
CA VAL A 186 13.68 -37.85 -10.27
C VAL A 186 12.84 -38.98 -10.83
N THR A 187 13.29 -40.22 -10.61
CA THR A 187 12.62 -41.39 -11.13
C THR A 187 11.55 -41.87 -10.18
N GLY A 188 10.64 -42.67 -10.72
CA GLY A 188 9.56 -43.25 -9.94
C GLY A 188 8.25 -43.08 -10.68
N GLU A 189 7.32 -43.98 -10.40
CA GLU A 189 5.98 -43.82 -10.93
C GLU A 189 5.30 -42.63 -10.28
N GLU A 190 4.33 -42.06 -10.99
CA GLU A 190 3.58 -40.95 -10.43
C GLU A 190 2.94 -41.39 -9.11
N PRO A 191 2.94 -40.55 -8.08
CA PRO A 191 2.31 -40.94 -6.82
C PRO A 191 0.83 -41.21 -7.00
N THR A 192 0.31 -42.14 -6.20
CA THR A 192 -1.10 -42.47 -6.19
C THR A 192 -1.72 -42.47 -4.81
N THR A 193 -0.94 -42.13 -3.77
CA THR A 193 -1.43 -42.01 -2.41
C THR A 193 -0.83 -40.76 -1.79
N ARG A 194 -1.47 -40.29 -0.72
CA ARG A 194 -0.99 -39.12 0.00
C ARG A 194 0.47 -39.30 0.43
N GLU A 195 0.80 -40.47 1.00
CA GLU A 195 2.17 -40.70 1.44
C GLU A 195 3.16 -40.58 0.29
N GLU A 196 2.78 -41.05 -0.91
CA GLU A 196 3.69 -40.99 -2.05
C GLU A 196 3.85 -39.57 -2.58
N TRP A 197 2.78 -38.77 -2.56
CA TRP A 197 2.91 -37.36 -2.90
C TRP A 197 3.83 -36.64 -1.91
N ALA A 198 3.61 -36.86 -0.61
CA ALA A 198 4.46 -36.21 0.40
C ALA A 198 5.92 -36.60 0.21
N ARG A 199 6.17 -37.89 -0.06
N ARG A 199 6.17 -37.88 -0.06
CA ARG A 199 7.55 -38.33 -0.26
CA ARG A 199 7.55 -38.32 -0.26
C ARG A 199 8.15 -37.71 -1.52
C ARG A 199 8.16 -37.72 -1.51
N LEU A 200 7.35 -37.46 -2.55
CA LEU A 200 7.89 -36.86 -3.76
C LEU A 200 8.30 -35.43 -3.52
N ALA A 201 7.46 -34.65 -2.82
CA ALA A 201 7.84 -33.29 -2.45
C ALA A 201 9.13 -33.28 -1.64
N MET A 202 9.25 -34.20 -0.68
CA MET A 202 10.46 -34.29 0.13
C MET A 202 11.67 -34.64 -0.74
N ASP A 203 11.51 -35.61 -1.65
CA ASP A 203 12.62 -36.08 -2.46
C ASP A 203 13.07 -35.00 -3.45
N LEU A 204 12.14 -34.19 -3.96
CA LEU A 204 12.47 -33.07 -4.83
C LEU A 204 13.10 -31.90 -4.09
N GLY A 205 13.08 -31.89 -2.76
CA GLY A 205 13.63 -30.78 -2.02
C GLY A 205 12.79 -29.53 -2.07
N VAL A 206 11.47 -29.67 -2.10
CA VAL A 206 10.58 -28.51 -2.08
C VAL A 206 10.52 -27.99 -0.65
N LYS A 207 11.20 -26.87 -0.41
CA LYS A 207 11.20 -26.28 0.92
C LYS A 207 9.86 -25.63 1.24
N GLY A 208 9.22 -25.02 0.22
CA GLY A 208 7.96 -24.35 0.47
C GLY A 208 7.24 -24.00 -0.81
N ILE A 209 6.03 -23.46 -0.62
CA ILE A 209 5.11 -23.17 -1.71
C ILE A 209 4.41 -21.86 -1.39
N HIS A 210 4.44 -20.90 -2.32
CA HIS A 210 3.53 -19.76 -2.25
C HIS A 210 2.35 -20.01 -3.16
N ILE A 211 1.16 -19.65 -2.70
CA ILE A 211 0.02 -19.47 -3.59
C ILE A 211 0.21 -18.06 -4.12
N ALA A 212 0.78 -17.95 -5.31
CA ALA A 212 1.38 -16.72 -5.81
C ALA A 212 0.48 -16.14 -6.90
N ALA A 213 -0.18 -15.02 -6.57
CA ALA A 213 -1.27 -14.51 -7.39
C ALA A 213 -1.11 -13.02 -7.66
N ARG A 214 -1.47 -12.63 -8.87
CA ARG A 214 -1.48 -11.22 -9.29
C ARG A 214 -2.73 -10.99 -10.13
N ASP A 215 -3.64 -10.17 -9.61
CA ASP A 215 -4.87 -9.78 -10.30
C ASP A 215 -4.63 -8.41 -10.93
N THR A 216 -4.72 -8.31 -12.26
CA THR A 216 -4.49 -7.02 -12.94
C THR A 216 -5.77 -6.43 -13.55
N GLN A 217 -6.93 -6.98 -13.23
CA GLN A 217 -8.16 -6.39 -13.71
C GLN A 217 -8.37 -4.98 -13.15
N ARG A 218 -8.92 -4.12 -14.00
CA ARG A 218 -9.17 -2.73 -13.59
C ARG A 218 -10.40 -2.25 -14.33
N ALA A 219 -11.06 -1.27 -13.74
CA ALA A 219 -12.37 -0.86 -14.21
C ALA A 219 -12.29 0.41 -15.04
N SER A 220 -13.41 0.72 -15.69
CA SER A 220 -13.52 1.93 -16.49
C SER A 220 -13.64 3.17 -15.63
N PHE A 221 -13.89 3.02 -14.33
CA PHE A 221 -13.89 4.14 -13.40
C PHE A 221 -12.80 3.93 -12.36
N PRO A 222 -12.20 5.01 -11.87
CA PRO A 222 -11.17 4.87 -10.83
C PRO A 222 -11.78 4.54 -9.48
N LYS A 223 -10.93 4.11 -8.57
CA LYS A 223 -11.40 3.70 -7.25
C LYS A 223 -12.11 4.85 -6.55
N PRO A 224 -13.37 4.68 -6.14
CA PRO A 224 -14.04 5.77 -5.42
C PRO A 224 -13.55 5.88 -3.98
N PHE A 225 -13.46 7.12 -3.50
CA PHE A 225 -13.14 7.33 -2.09
C PHE A 225 -14.19 6.68 -1.20
N ASP A 226 -13.72 6.00 -0.14
CA ASP A 226 -14.57 5.40 0.90
C ASP A 226 -15.44 4.29 0.32
N VAL A 227 -14.92 3.59 -0.67
CA VAL A 227 -15.57 2.42 -1.26
C VAL A 227 -14.50 1.36 -1.39
N PHE A 228 -14.76 0.17 -0.83
CA PHE A 228 -13.85 -0.95 -1.02
C PHE A 228 -14.19 -1.61 -2.34
N VAL A 229 -13.19 -1.81 -3.20
CA VAL A 229 -13.37 -2.42 -4.53
C VAL A 229 -12.60 -3.73 -4.61
N ASN A 230 -13.23 -4.77 -5.15
CA ASN A 230 -12.59 -6.07 -5.31
C ASN A 230 -13.20 -6.76 -6.53
N THR A 231 -12.54 -7.82 -7.00
CA THR A 231 -13.05 -8.62 -8.12
C THR A 231 -13.88 -9.82 -7.66
N TRP A 232 -14.01 -10.02 -6.36
CA TRP A 232 -14.83 -11.06 -5.74
C TRP A 232 -15.25 -10.53 -4.37
N SER A 233 -15.95 -11.35 -3.58
CA SER A 233 -16.52 -10.95 -2.31
C SER A 233 -15.68 -9.90 -1.57
N VAL A 234 -16.25 -8.72 -1.36
CA VAL A 234 -15.61 -7.78 -0.44
C VAL A 234 -15.76 -8.25 1.00
N GLU A 235 -16.97 -8.67 1.39
CA GLU A 235 -17.18 -9.14 2.76
C GLU A 235 -16.26 -10.31 3.07
N GLY A 236 -16.14 -11.24 2.13
CA GLY A 236 -15.30 -12.42 2.35
C GLY A 236 -13.83 -12.09 2.38
N PHE A 237 -13.38 -11.20 1.48
CA PHE A 237 -11.97 -10.82 1.48
C PHE A 237 -11.59 -10.09 2.76
N VAL A 238 -12.45 -9.18 3.22
CA VAL A 238 -12.16 -8.45 4.45
C VAL A 238 -12.16 -9.40 5.64
N SER A 239 -13.10 -10.35 5.68
CA SER A 239 -13.13 -11.31 6.79
C SER A 239 -11.82 -12.09 6.90
N GLU A 240 -11.36 -12.69 5.79
CA GLU A 240 -10.10 -13.42 5.86
C GLU A 240 -8.92 -12.46 6.06
N GLY A 241 -9.03 -11.22 5.58
CA GLY A 241 -7.93 -10.28 5.74
C GLY A 241 -7.74 -9.80 7.17
N LEU A 242 -8.79 -9.86 7.98
CA LEU A 242 -8.71 -9.45 9.37
C LEU A 242 -8.49 -10.63 10.29
N GLN A 243 -8.54 -11.85 9.77
CA GLN A 243 -8.06 -13.00 10.52
C GLN A 243 -6.55 -12.91 10.65
N PRO A 244 -5.97 -13.63 11.60
CA PRO A 244 -4.50 -13.65 11.72
C PRO A 244 -3.85 -14.08 10.41
N ALA A 245 -2.69 -13.50 10.13
CA ALA A 245 -1.84 -14.03 9.09
C ALA A 245 -1.49 -15.47 9.46
N GLU A 246 -1.42 -16.34 8.47
CA GLU A 246 -1.39 -17.76 8.77
C GLU A 246 -0.65 -18.50 7.67
N LEU A 247 0.11 -19.53 8.05
CA LEU A 247 0.84 -20.29 7.06
C LEU A 247 1.02 -21.73 7.51
N GLY A 248 1.04 -22.64 6.54
CA GLY A 248 1.63 -23.94 6.78
C GLY A 248 3.12 -23.77 6.97
N TRP A 249 3.67 -24.47 7.97
CA TRP A 249 5.00 -24.18 8.48
C TRP A 249 5.97 -25.30 8.14
N GLY A 250 6.99 -25.00 7.33
CA GLY A 250 7.88 -26.02 6.83
C GLY A 250 8.93 -26.46 7.83
N THR A 251 9.31 -27.72 7.72
CA THR A 251 10.40 -28.25 8.54
C THR A 251 11.73 -27.55 8.25
N PHE A 252 11.90 -26.92 7.09
CA PHE A 252 13.18 -26.26 6.79
C PHE A 252 13.33 -24.90 7.47
N GLU A 253 12.26 -24.30 7.96
CA GLU A 253 12.33 -22.97 8.54
C GLU A 253 13.16 -22.96 9.81
N ARG A 254 14.03 -21.95 9.94
CA ARG A 254 14.91 -21.82 11.10
C ARG A 254 14.51 -20.68 12.03
N TRP A 255 13.49 -19.90 11.67
CA TRP A 255 13.14 -18.69 12.41
C TRP A 255 11.67 -18.43 12.25
N MET A 256 11.04 -17.93 13.31
CA MET A 256 9.71 -17.35 13.21
C MET A 256 9.67 -16.08 14.03
N PRO A 257 8.81 -15.13 13.67
CA PRO A 257 8.77 -13.87 14.39
C PRO A 257 8.30 -14.04 15.82
N ASP A 258 8.60 -13.01 16.62
CA ASP A 258 8.24 -13.04 18.04
C ASP A 258 6.74 -13.20 18.24
N ASN A 259 5.93 -12.66 17.31
CA ASN A 259 4.48 -12.71 17.47
C ASN A 259 3.84 -13.86 16.69
N ALA A 260 4.64 -14.87 16.32
CA ALA A 260 4.12 -16.11 15.77
C ALA A 260 3.76 -17.08 16.88
N ARG A 261 2.73 -17.88 16.64
CA ARG A 261 2.24 -18.88 17.58
C ARG A 261 1.90 -20.16 16.83
N GLY A 262 1.98 -21.28 17.53
CA GLY A 262 1.56 -22.55 17.02
C GLY A 262 0.26 -23.01 17.62
N HIS A 263 0.04 -24.32 17.57
CA HIS A 263 -1.20 -24.93 18.03
C HIS A 263 -0.88 -26.13 18.91
N ASP A 264 -1.57 -26.23 20.05
CA ASP A 264 -1.33 -27.34 20.96
C ASP A 264 -1.85 -28.65 20.41
N SER A 265 -2.86 -28.62 19.54
CA SER A 265 -3.47 -29.83 19.02
C SER A 265 -3.71 -29.66 17.53
N GLY A 266 -4.25 -30.70 16.92
CA GLY A 266 -4.55 -30.71 15.50
C GLY A 266 -3.49 -31.37 14.66
N CYS A 267 -3.58 -31.12 13.35
CA CYS A 267 -2.71 -31.83 12.42
C CYS A 267 -1.26 -31.41 12.56
N GLY A 268 -1.00 -30.26 13.19
CA GLY A 268 0.35 -29.83 13.52
C GLY A 268 1.07 -29.05 12.44
N ALA A 269 0.39 -28.63 11.38
CA ALA A 269 1.07 -28.12 10.20
C ALA A 269 1.14 -26.59 10.13
N GLY A 270 0.64 -25.87 11.12
CA GLY A 270 0.44 -24.44 10.96
C GLY A 270 1.07 -23.59 12.04
N ILE A 271 1.39 -22.35 11.66
CA ILE A 271 1.56 -21.26 12.62
C ILE A 271 0.63 -20.12 12.19
N TYR A 272 0.48 -19.17 13.10
CA TYR A 272 -0.21 -17.93 12.78
C TYR A 272 0.51 -16.78 13.48
N LEU A 273 0.30 -15.57 12.98
CA LEU A 273 0.88 -14.36 13.53
C LEU A 273 -0.20 -13.51 14.18
N LEU A 274 0.17 -12.79 15.25
CA LEU A 274 -0.78 -11.95 15.99
C LEU A 274 -0.91 -10.58 15.34
N GLN A 275 -1.34 -10.61 14.07
CA GLN A 275 -1.56 -9.42 13.25
C GLN A 275 -2.43 -9.83 12.07
N PRO A 276 -3.19 -8.90 11.49
CA PRO A 276 -4.10 -9.27 10.40
C PRO A 276 -3.33 -9.56 9.11
N GLY A 277 -3.81 -10.57 8.39
CA GLY A 277 -3.10 -11.03 7.20
C GLY A 277 -3.10 -10.04 6.05
N ALA A 278 -4.19 -9.28 5.88
CA ALA A 278 -4.25 -8.33 4.78
C ALA A 278 -3.41 -7.09 5.02
N ASN A 279 -2.83 -6.95 6.21
CA ASN A 279 -1.84 -5.90 6.47
C ASN A 279 -0.47 -6.49 6.75
N THR A 280 -0.22 -7.70 6.27
CA THR A 280 1.05 -8.39 6.37
C THR A 280 1.57 -8.65 4.97
N ARG A 281 2.78 -8.18 4.66
CA ARG A 281 3.34 -8.34 3.32
C ARG A 281 4.45 -9.39 3.31
N VAL A 282 4.56 -10.05 2.17
CA VAL A 282 5.59 -11.06 1.91
C VAL A 282 6.19 -10.79 0.53
N ARG A 283 7.46 -11.11 0.40
CA ARG A 283 8.15 -10.98 -0.88
C ARG A 283 7.91 -12.24 -1.69
N SER A 284 7.41 -12.07 -2.90
CA SER A 284 7.03 -13.19 -3.73
C SER A 284 7.19 -12.80 -5.20
N TRP A 285 6.63 -13.62 -6.09
CA TRP A 285 6.96 -13.56 -7.50
C TRP A 285 5.88 -14.29 -8.30
N THR A 286 5.46 -13.69 -9.42
CA THR A 286 4.68 -14.38 -10.44
C THR A 286 5.24 -14.03 -11.81
N PRO A 287 4.89 -14.79 -12.85
CA PRO A 287 5.51 -14.51 -14.16
C PRO A 287 5.23 -13.12 -14.70
N THR A 288 3.99 -12.62 -14.55
CA THR A 288 3.66 -11.32 -15.09
C THR A 288 4.07 -10.20 -14.15
N ALA A 289 3.97 -10.43 -12.85
CA ALA A 289 4.36 -9.42 -11.86
C ALA A 289 5.87 -9.33 -11.72
N MET A 290 6.56 -10.43 -12.00
CA MET A 290 7.91 -10.66 -11.51
C MET A 290 7.93 -10.40 -10.02
N ALA A 291 9.01 -9.85 -9.45
CA ALA A 291 9.04 -9.69 -8.00
C ALA A 291 7.95 -8.71 -7.54
N GLN A 292 7.18 -9.09 -6.51
CA GLN A 292 6.10 -8.26 -6.00
C GLN A 292 5.89 -8.54 -4.52
N TYR A 293 5.18 -7.61 -3.85
CA TYR A 293 4.62 -7.93 -2.55
C TYR A 293 3.33 -8.72 -2.69
N GLY A 294 3.16 -9.72 -1.85
CA GLY A 294 1.86 -10.31 -1.66
C GLY A 294 1.39 -10.03 -0.25
N PHE A 295 0.10 -10.13 -0.01
CA PHE A 295 -0.43 -10.11 1.34
C PHE A 295 -0.57 -11.52 1.87
N LEU A 296 -0.19 -11.71 3.13
CA LEU A 296 -0.15 -13.02 3.78
C LEU A 296 -1.50 -13.31 4.44
N VAL A 297 -2.51 -13.38 3.59
CA VAL A 297 -3.88 -13.62 4.01
C VAL A 297 -4.08 -15.11 4.28
N THR A 298 -4.71 -15.44 5.40
CA THR A 298 -4.95 -16.84 5.71
C THR A 298 -5.86 -17.48 4.67
N HIS A 299 -5.59 -18.76 4.41
CA HIS A 299 -6.32 -19.57 3.46
C HIS A 299 -6.29 -21.01 3.95
N ASN A 300 -7.35 -21.75 3.63
CA ASN A 300 -7.43 -23.15 4.03
C ASN A 300 -6.27 -23.96 3.47
N GLU A 301 -5.91 -23.71 2.21
CA GLU A 301 -4.91 -24.56 1.56
C GLU A 301 -3.51 -24.31 2.10
N SER A 302 -3.28 -23.15 2.73
CA SER A 302 -1.99 -22.95 3.37
C SER A 302 -1.74 -24.06 4.39
N ILE A 303 -2.77 -24.46 5.11
CA ILE A 303 -2.68 -25.59 6.03
C ILE A 303 -2.84 -26.90 5.28
N SER A 304 -3.85 -27.02 4.40
CA SER A 304 -4.19 -28.34 3.86
C SER A 304 -3.07 -28.89 2.98
N ILE A 305 -2.43 -28.04 2.18
CA ILE A 305 -1.34 -28.51 1.32
C ILE A 305 -0.15 -28.93 2.17
N ALA A 306 0.22 -28.12 3.17
CA ALA A 306 1.34 -28.49 4.03
C ALA A 306 1.05 -29.81 4.75
N ASP A 307 -0.19 -29.97 5.23
CA ASP A 307 -0.60 -31.21 5.91
C ASP A 307 -0.52 -32.40 4.96
N PHE A 308 -1.07 -32.23 3.76
CA PHE A 308 -1.10 -33.31 2.77
C PHE A 308 0.30 -33.79 2.43
N LEU A 309 1.24 -32.86 2.32
CA LEU A 309 2.60 -33.17 1.92
C LEU A 309 3.52 -33.42 3.12
N THR A 310 2.96 -33.78 4.28
CA THR A 310 3.75 -34.07 5.46
C THR A 310 4.20 -35.53 5.45
N VAL A 311 5.49 -35.75 5.70
CA VAL A 311 6.06 -37.07 5.89
C VAL A 311 6.35 -37.23 7.37
N ARG A 312 5.89 -38.34 7.95
CA ARG A 312 6.12 -38.63 9.36
C ARG A 312 6.97 -39.88 9.51
N ASP A 313 7.74 -39.93 10.58
CA ASP A 313 8.47 -41.14 10.97
C ASP A 313 7.51 -42.08 11.71
N ALA A 314 8.05 -43.17 12.28
CA ALA A 314 7.19 -44.17 12.89
C ALA A 314 6.60 -43.69 14.21
N ALA A 315 7.28 -42.78 14.89
CA ALA A 315 6.73 -42.19 16.11
C ALA A 315 5.58 -41.23 15.82
N GLY A 316 5.28 -40.94 14.55
CA GLY A 316 4.28 -39.95 14.21
C GLY A 316 4.80 -38.53 14.16
N GLN A 317 6.11 -38.34 14.26
CA GLN A 317 6.71 -37.01 14.22
C GLN A 317 6.92 -36.59 12.77
N ALA A 318 6.57 -35.34 12.47
CA ALA A 318 6.79 -34.82 11.14
C ALA A 318 8.29 -34.65 10.88
N VAL A 319 8.80 -35.29 9.84
CA VAL A 319 10.20 -35.12 9.46
C VAL A 319 10.34 -34.26 8.20
N TYR A 320 9.30 -34.12 7.41
CA TYR A 320 9.28 -33.19 6.28
C TYR A 320 7.88 -32.61 6.15
N ARG A 321 7.84 -31.31 5.90
CA ARG A 321 6.63 -30.55 5.61
C ARG A 321 7.05 -29.29 4.85
N PRO A 322 6.37 -28.92 3.78
CA PRO A 322 6.67 -27.64 3.13
C PRO A 322 5.99 -26.48 3.84
N THR A 323 6.67 -25.34 3.86
CA THR A 323 5.97 -24.10 4.14
C THR A 323 4.96 -23.88 3.02
N CYS A 324 3.81 -23.31 3.35
CA CYS A 324 2.82 -23.05 2.33
C CYS A 324 1.98 -21.87 2.79
N HIS A 325 1.91 -20.84 1.97
CA HIS A 325 1.02 -19.74 2.31
C HIS A 325 0.70 -18.91 1.09
N TYR A 326 -0.34 -18.10 1.28
CA TYR A 326 -0.80 -17.14 0.29
C TYR A 326 0.19 -15.99 0.18
N ALA A 327 0.38 -15.53 -1.03
CA ALA A 327 1.13 -14.32 -1.34
C ALA A 327 0.32 -13.59 -2.41
N TYR A 328 -0.72 -12.88 -1.94
CA TYR A 328 -1.77 -12.34 -2.79
C TYR A 328 -1.51 -10.88 -3.15
N HIS A 329 -1.39 -10.59 -4.44
CA HIS A 329 -1.44 -9.21 -4.93
C HIS A 329 -2.79 -9.03 -5.64
N PRO A 330 -3.80 -8.49 -4.98
CA PRO A 330 -5.10 -8.32 -5.62
C PRO A 330 -5.06 -7.21 -6.65
N CYS A 331 -6.20 -6.88 -7.23
CA CYS A 331 -6.22 -5.80 -8.21
C CYS A 331 -5.82 -4.49 -7.55
N ASN A 332 -5.36 -3.56 -8.39
CA ASN A 332 -4.86 -2.30 -7.87
C ASN A 332 -5.89 -1.59 -6.99
N ASP A 333 -7.18 -1.60 -7.38
CA ASP A 333 -8.17 -0.91 -6.55
C ASP A 333 -8.37 -1.61 -5.21
N ALA A 334 -8.16 -2.92 -5.16
CA ALA A 334 -8.18 -3.63 -3.89
C ALA A 334 -6.96 -3.30 -3.05
N VAL A 335 -5.78 -3.15 -3.68
CA VAL A 335 -4.60 -2.70 -2.94
C VAL A 335 -4.87 -1.34 -2.31
N LEU A 336 -5.42 -0.41 -3.09
CA LEU A 336 -5.80 0.89 -2.53
C LEU A 336 -6.86 0.75 -1.45
N SER A 337 -7.81 -0.18 -1.65
CA SER A 337 -8.87 -0.37 -0.66
C SER A 337 -8.32 -0.82 0.68
N LEU A 338 -7.31 -1.71 0.67
CA LEU A 338 -6.68 -2.13 1.91
C LEU A 338 -5.95 -0.97 2.59
N HIS A 339 -5.21 -0.18 1.81
CA HIS A 339 -4.49 0.96 2.35
C HIS A 339 -5.46 1.92 3.03
N GLU A 340 -6.64 2.09 2.43
CA GLU A 340 -7.66 2.97 2.96
C GLU A 340 -8.30 2.40 4.22
N MET A 341 -8.63 1.10 4.19
CA MET A 341 -9.30 0.47 5.32
C MET A 341 -8.39 0.41 6.53
N PHE A 342 -7.19 -0.13 6.38
CA PHE A 342 -6.29 -0.16 7.51
C PHE A 342 -5.87 1.22 7.95
N GLY A 343 -5.70 2.15 7.01
CA GLY A 343 -5.33 3.50 7.36
C GLY A 343 -6.39 4.26 8.12
N SER A 344 -7.67 3.98 7.84
CA SER A 344 -8.76 4.59 8.61
C SER A 344 -9.08 3.85 9.89
N GLY A 345 -8.70 2.57 9.99
CA GLY A 345 -9.04 1.73 11.12
C GLY A 345 -10.44 1.15 11.12
N LYS A 346 -11.21 1.32 10.04
CA LYS A 346 -12.57 0.79 9.96
C LYS A 346 -12.92 0.50 8.50
N ARG A 347 -13.91 -0.40 8.31
CA ARG A 347 -14.41 -0.67 6.97
C ARG A 347 -14.99 0.59 6.33
N GLN A 348 -14.77 0.70 5.02
CA GLN A 348 -15.40 1.74 4.22
C GLN A 348 -16.92 1.72 4.36
N SER A 349 -17.55 2.85 4.07
CA SER A 349 -19.00 2.96 4.12
C SER A 349 -19.70 2.08 3.09
N ASP A 350 -19.03 1.75 2.00
CA ASP A 350 -19.64 1.11 0.85
C ASP A 350 -18.60 0.21 0.20
N TRP A 351 -19.06 -0.68 -0.66
CA TRP A 351 -18.15 -1.52 -1.42
C TRP A 351 -18.79 -1.90 -2.73
N ARG A 352 -17.96 -2.42 -3.63
CA ARG A 352 -18.50 -2.95 -4.88
C ARG A 352 -17.55 -3.99 -5.44
N ILE A 353 -18.16 -4.98 -6.10
CA ILE A 353 -17.45 -6.02 -6.82
C ILE A 353 -17.49 -5.70 -8.31
N LEU A 354 -16.33 -5.64 -8.93
CA LEU A 354 -16.25 -5.28 -10.35
C LEU A 354 -16.92 -6.36 -11.20
N ASP A 355 -17.84 -5.90 -12.03
CA ASP A 355 -18.55 -6.68 -13.04
C ASP A 355 -17.72 -6.76 -14.31
N GLU A 356 -17.92 -7.83 -15.08
CA GLU A 356 -17.21 -7.93 -16.34
C GLU A 356 -17.52 -6.75 -17.25
N THR A 357 -18.73 -6.18 -17.15
CA THR A 357 -19.06 -5.04 -18.01
C THR A 357 -18.29 -3.78 -17.64
N GLU A 358 -17.71 -3.75 -16.44
CA GLU A 358 -16.97 -2.62 -15.93
C GLU A 358 -15.46 -2.76 -16.13
N ILE A 359 -14.97 -3.94 -16.44
CA ILE A 359 -13.53 -4.20 -16.47
C ILE A 359 -12.97 -3.90 -17.86
N VAL A 360 -11.96 -3.04 -17.91
CA VAL A 360 -11.35 -2.59 -19.16
C VAL A 360 -10.44 -3.64 -19.75
N ASP A 361 -9.66 -4.31 -18.90
CA ASP A 361 -8.67 -5.28 -19.32
C ASP A 361 -8.13 -5.95 -18.06
N GLY A 362 -7.17 -6.84 -18.24
CA GLY A 362 -6.50 -7.48 -17.12
C GLY A 362 -6.68 -9.00 -17.13
N ILE A 363 -5.89 -9.62 -16.24
CA ILE A 363 -5.87 -11.07 -16.07
C ILE A 363 -5.95 -11.37 -14.58
N ASP A 364 -6.28 -12.62 -14.25
CA ASP A 364 -6.10 -13.11 -12.88
C ASP A 364 -5.06 -14.20 -12.95
N GLU A 365 -3.81 -13.81 -12.68
CA GLU A 365 -2.69 -14.75 -12.71
C GLU A 365 -2.65 -15.44 -11.35
N LEU A 366 -2.92 -16.74 -11.35
CA LEU A 366 -3.08 -17.48 -10.09
C LEU A 366 -2.42 -18.84 -10.25
N GLY A 367 -1.37 -19.06 -9.46
CA GLY A 367 -0.64 -20.29 -9.54
C GLY A 367 0.10 -20.58 -8.25
N VAL A 368 0.95 -21.59 -8.30
CA VAL A 368 1.70 -22.05 -7.15
C VAL A 368 3.19 -21.94 -7.46
N LEU A 369 3.95 -21.40 -6.51
CA LEU A 369 5.38 -21.16 -6.65
C LEU A 369 6.06 -22.14 -5.71
N LEU A 370 6.63 -23.21 -6.28
CA LEU A 370 7.37 -24.21 -5.52
C LEU A 370 8.85 -23.83 -5.54
N TYR A 371 9.45 -23.75 -4.35
CA TYR A 371 10.82 -23.24 -4.24
C TYR A 371 11.70 -24.11 -3.35
N GLY A 372 13.01 -23.93 -3.53
CA GLY A 372 14.01 -24.57 -2.70
C GLY A 372 14.63 -25.80 -3.30
N HIS A 373 14.13 -26.24 -4.45
CA HIS A 373 14.61 -27.38 -5.21
C HIS A 373 15.80 -26.96 -6.07
N GLY A 374 16.32 -27.91 -6.84
CA GLY A 374 17.54 -27.71 -7.62
C GLY A 374 17.41 -26.68 -8.72
N LYS A 375 16.20 -26.28 -9.09
CA LYS A 375 15.99 -25.24 -10.09
C LYS A 375 15.43 -23.97 -9.47
N ASN A 376 15.60 -23.80 -8.16
CA ASN A 376 15.30 -22.61 -7.39
C ASN A 376 13.80 -22.42 -7.18
N ALA A 377 13.07 -22.07 -8.23
CA ALA A 377 11.66 -21.76 -8.06
C ALA A 377 10.93 -21.98 -9.36
N TYR A 378 9.70 -22.47 -9.24
CA TYR A 378 8.89 -22.87 -10.38
C TYR A 378 7.47 -22.42 -10.09
N TRP A 379 6.90 -21.64 -11.00
CA TRP A 379 5.52 -21.18 -10.89
C TRP A 379 4.67 -21.93 -11.91
N TYR A 380 3.53 -22.46 -11.46
CA TYR A 380 2.62 -23.19 -12.34
C TYR A 380 1.20 -22.71 -12.08
N GLY A 381 0.50 -22.31 -13.13
CA GLY A 381 -0.86 -21.86 -12.95
C GLY A 381 -1.43 -21.15 -14.15
N SER A 382 -2.56 -20.49 -13.89
CA SER A 382 -3.45 -19.92 -14.87
C SER A 382 -3.17 -18.44 -15.08
N GLN A 383 -3.28 -18.00 -16.34
CA GLN A 383 -3.14 -16.58 -16.68
C GLN A 383 -4.40 -16.06 -17.38
N LEU A 384 -5.56 -16.55 -16.94
CA LEU A 384 -6.84 -16.26 -17.59
C LEU A 384 -7.12 -14.75 -17.68
N SER A 385 -7.44 -14.29 -18.89
CA SER A 385 -7.77 -12.88 -19.12
C SER A 385 -9.27 -12.64 -19.08
N ILE A 386 -9.63 -11.38 -18.83
CA ILE A 386 -11.03 -11.00 -18.87
C ILE A 386 -11.60 -11.18 -20.27
N GLU A 387 -10.79 -10.91 -21.29
CA GLU A 387 -11.27 -11.05 -22.67
C GLU A 387 -11.64 -12.50 -22.97
N GLU A 388 -10.76 -13.43 -22.65
CA GLU A 388 -11.11 -14.83 -22.85
C GLU A 388 -12.30 -15.23 -22.00
N THR A 389 -12.36 -14.78 -20.75
CA THR A 389 -13.50 -15.09 -19.89
C THR A 389 -14.82 -14.77 -20.58
N ARG A 390 -14.96 -13.55 -21.10
CA ARG A 390 -16.22 -13.17 -21.74
C ARG A 390 -16.55 -14.06 -22.93
N ARG A 391 -15.55 -14.59 -23.63
CA ARG A 391 -15.85 -15.42 -24.79
C ARG A 391 -16.42 -16.78 -24.37
N ILE A 392 -16.04 -17.28 -23.20
CA ILE A 392 -16.30 -18.69 -22.87
C ILE A 392 -17.28 -18.89 -21.74
N ALA A 393 -17.61 -17.86 -20.94
CA ALA A 393 -18.55 -18.05 -19.84
C ALA A 393 -19.22 -16.75 -19.47
N PRO A 394 -20.52 -16.74 -19.19
CA PRO A 394 -21.24 -15.50 -18.88
C PRO A 394 -21.21 -15.14 -17.41
N ASP A 395 -21.57 -13.88 -17.14
CA ASP A 395 -21.96 -13.40 -15.81
C ASP A 395 -20.83 -13.46 -14.79
N GLN A 396 -19.58 -13.29 -15.21
CA GLN A 396 -18.47 -13.30 -14.26
C GLN A 396 -17.22 -12.72 -14.89
N ASN A 397 -16.29 -12.31 -14.02
CA ASN A 397 -14.98 -11.83 -14.44
C ASN A 397 -13.99 -12.99 -14.33
N ALA A 398 -12.71 -12.71 -14.58
CA ALA A 398 -11.71 -13.79 -14.64
C ALA A 398 -11.51 -14.44 -13.28
N THR A 399 -11.53 -13.63 -12.22
CA THR A 399 -11.44 -14.18 -10.87
C THR A 399 -12.58 -15.16 -10.64
N GLY A 400 -13.80 -14.74 -10.97
CA GLY A 400 -14.96 -15.59 -10.75
C GLY A 400 -14.89 -16.88 -11.53
N LEU A 401 -14.43 -16.83 -12.78
CA LEU A 401 -14.45 -18.02 -13.60
C LEU A 401 -13.46 -19.07 -13.11
N GLN A 402 -12.30 -18.66 -12.59
CA GLN A 402 -11.40 -19.66 -12.02
C GLN A 402 -12.06 -20.37 -10.83
N VAL A 403 -12.89 -19.66 -10.07
CA VAL A 403 -13.56 -20.24 -8.91
C VAL A 403 -14.72 -21.13 -9.35
N SER A 404 -15.61 -20.59 -10.18
CA SER A 404 -16.79 -21.33 -10.60
C SER A 404 -16.42 -22.61 -11.35
N SER A 405 -15.38 -22.54 -12.18
CA SER A 405 -14.97 -23.72 -12.91
C SER A 405 -14.36 -24.77 -11.98
N ALA A 406 -13.78 -24.36 -10.87
CA ALA A 406 -13.28 -25.32 -9.88
C ALA A 406 -14.44 -25.98 -9.15
N VAL A 407 -15.48 -25.22 -8.84
CA VAL A 407 -16.67 -25.81 -8.24
C VAL A 407 -17.29 -26.82 -9.19
N LEU A 408 -17.36 -26.49 -10.48
CA LEU A 408 -17.82 -27.42 -11.49
C LEU A 408 -17.02 -28.71 -11.47
N ALA A 409 -15.69 -28.59 -11.48
CA ALA A 409 -14.86 -29.78 -11.44
C ALA A 409 -15.10 -30.60 -10.18
N GLY A 410 -15.19 -29.92 -9.03
CA GLY A 410 -15.49 -30.62 -7.79
C GLY A 410 -16.83 -31.34 -7.82
N MET A 411 -17.83 -30.72 -8.46
CA MET A 411 -19.13 -31.36 -8.60
C MET A 411 -19.05 -32.58 -9.49
N VAL A 412 -18.33 -32.49 -10.62
CA VAL A 412 -18.14 -33.67 -11.48
C VAL A 412 -17.47 -34.78 -10.68
N TRP A 413 -16.40 -34.46 -9.94
CA TRP A 413 -15.70 -35.49 -9.18
C TRP A 413 -16.61 -36.11 -8.13
N ALA A 414 -17.41 -35.30 -7.45
CA ALA A 414 -18.30 -35.81 -6.42
C ALA A 414 -19.34 -36.76 -7.00
N LEU A 415 -19.92 -36.40 -8.14
CA LEU A 415 -20.90 -37.28 -8.77
C LEU A 415 -20.26 -38.62 -9.17
N GLU A 416 -19.00 -38.58 -9.57
CA GLU A 416 -18.28 -39.78 -9.97
C GLU A 416 -17.69 -40.54 -8.78
N ASN A 417 -17.70 -39.93 -7.60
CA ASN A 417 -17.17 -40.54 -6.39
C ASN A 417 -18.03 -40.08 -5.22
N PRO A 418 -19.28 -40.55 -5.15
CA PRO A 418 -20.25 -39.93 -4.24
C PRO A 418 -20.29 -40.52 -2.84
N ASN A 419 -19.47 -41.52 -2.53
N ASN A 419 -19.42 -41.48 -2.56
CA ASN A 419 -19.42 -42.06 -1.18
CA ASN A 419 -19.35 -42.19 -1.28
C ASN A 419 -17.97 -42.06 -0.70
C ASN A 419 -17.95 -42.07 -0.69
N ALA A 420 -17.32 -40.92 -0.88
CA ALA A 420 -15.93 -40.71 -0.49
C ALA A 420 -15.76 -40.03 0.85
N GLY A 421 -16.85 -39.66 1.52
CA GLY A 421 -16.76 -38.95 2.79
C GLY A 421 -16.37 -37.49 2.61
N ILE A 422 -16.02 -36.87 3.74
CA ILE A 422 -15.54 -35.49 3.73
C ILE A 422 -14.15 -35.47 3.11
N VAL A 423 -13.96 -34.63 2.09
CA VAL A 423 -12.70 -34.55 1.37
C VAL A 423 -12.34 -33.09 1.11
N GLU A 424 -11.04 -32.85 1.01
CA GLU A 424 -10.51 -31.59 0.52
C GLU A 424 -10.00 -31.74 -0.91
N ALA A 425 -9.65 -30.62 -1.53
CA ALA A 425 -9.21 -30.67 -2.92
C ALA A 425 -7.95 -31.51 -3.07
N ASP A 426 -7.13 -31.60 -2.02
CA ASP A 426 -5.93 -32.44 -2.03
C ASP A 426 -6.27 -33.92 -2.17
N ASP A 427 -7.47 -34.32 -1.79
CA ASP A 427 -7.89 -35.71 -1.82
C ASP A 427 -8.53 -36.12 -3.15
N LEU A 428 -8.82 -35.17 -4.03
CA LEU A 428 -9.48 -35.50 -5.28
C LEU A 428 -8.47 -35.94 -6.34
N ASP A 429 -8.98 -36.59 -7.38
CA ASP A 429 -8.17 -36.96 -8.54
C ASP A 429 -7.82 -35.69 -9.31
N PHE A 430 -6.59 -35.21 -9.17
CA PHE A 430 -6.25 -33.92 -9.75
C PHE A 430 -6.33 -33.93 -11.26
N ARG A 431 -6.11 -35.08 -11.89
CA ARG A 431 -6.15 -35.11 -13.35
C ARG A 431 -7.57 -34.98 -13.87
N ARG A 432 -8.53 -35.66 -13.23
CA ARG A 432 -9.92 -35.52 -13.65
C ARG A 432 -10.42 -34.10 -13.40
N CYS A 433 -10.10 -33.53 -12.24
CA CYS A 433 -10.56 -32.19 -11.95
C CYS A 433 -9.99 -31.19 -12.95
N LEU A 434 -8.69 -31.30 -13.26
CA LEU A 434 -8.11 -30.37 -14.23
C LEU A 434 -8.66 -30.61 -15.62
N GLU A 435 -9.01 -31.87 -15.96
CA GLU A 435 -9.60 -32.13 -17.26
C GLU A 435 -10.92 -31.37 -17.42
N VAL A 436 -11.71 -31.28 -16.34
CA VAL A 436 -12.98 -30.56 -16.39
C VAL A 436 -12.73 -29.05 -16.38
N GLN A 437 -11.77 -28.59 -15.58
CA GLN A 437 -11.60 -27.16 -15.35
C GLN A 437 -10.82 -26.46 -16.46
N THR A 438 -9.87 -27.15 -17.09
CA THR A 438 -8.91 -26.48 -17.96
C THR A 438 -9.53 -25.65 -19.09
N PRO A 439 -10.65 -26.05 -19.71
CA PRO A 439 -11.25 -25.19 -20.74
C PRO A 439 -11.57 -23.78 -20.27
N TYR A 440 -11.58 -23.54 -18.96
CA TYR A 440 -11.93 -22.25 -18.38
C TYR A 440 -10.74 -21.52 -17.76
N LEU A 441 -9.51 -22.00 -17.96
CA LEU A 441 -8.36 -21.42 -17.28
C LEU A 441 -7.45 -20.61 -18.18
N GLY A 442 -7.73 -20.47 -19.47
CA GLY A 442 -6.85 -19.73 -20.34
C GLY A 442 -5.47 -20.36 -20.34
N PRO A 443 -4.43 -19.58 -20.57
CA PRO A 443 -3.07 -20.14 -20.57
C PRO A 443 -2.73 -20.72 -19.21
N VAL A 444 -2.30 -21.97 -19.20
CA VAL A 444 -1.82 -22.64 -18.02
C VAL A 444 -0.37 -23.00 -18.28
N VAL A 445 0.55 -22.44 -17.51
CA VAL A 445 1.97 -22.48 -17.85
C VAL A 445 2.81 -22.74 -16.61
N GLY A 446 3.97 -23.32 -16.85
CA GLY A 446 5.00 -23.46 -15.83
C GLY A 446 6.20 -22.63 -16.24
N VAL A 447 6.76 -21.92 -15.28
CA VAL A 447 7.85 -20.96 -15.54
C VAL A 447 8.83 -21.08 -14.39
N TYR A 448 10.10 -21.28 -14.72
CA TYR A 448 11.17 -21.21 -13.75
C TYR A 448 11.70 -19.80 -13.63
N THR A 449 12.18 -19.46 -12.44
CA THR A 449 12.84 -18.18 -12.21
C THR A 449 14.05 -18.37 -11.33
N ASP A 450 15.05 -17.50 -11.51
CA ASP A 450 16.18 -17.38 -10.60
C ASP A 450 15.96 -16.37 -9.49
N TRP A 451 14.83 -15.67 -9.48
CA TRP A 451 14.55 -14.73 -8.39
C TRP A 451 14.55 -15.46 -7.06
N THR A 452 15.05 -14.79 -6.02
CA THR A 452 14.88 -15.24 -4.65
C THR A 452 14.55 -14.04 -3.78
N PRO A 453 14.04 -14.28 -2.57
CA PRO A 453 13.73 -13.17 -1.65
C PRO A 453 14.94 -12.34 -1.26
N LEU A 454 16.16 -12.82 -1.48
CA LEU A 454 17.34 -12.04 -1.15
C LEU A 454 17.85 -11.22 -2.33
N ALA A 455 17.17 -11.25 -3.47
CA ALA A 455 17.60 -10.47 -4.62
C ALA A 455 17.72 -9.00 -4.23
N GLY A 456 18.87 -8.40 -4.52
CA GLY A 456 19.10 -7.02 -4.19
C GLY A 456 19.35 -6.74 -2.73
N ARG A 457 19.49 -7.77 -1.90
CA ARG A 457 19.64 -7.50 -0.47
C ARG A 457 20.94 -8.10 0.05
N PRO A 458 21.53 -7.52 1.10
CA PRO A 458 21.09 -6.34 1.85
C PRO A 458 21.31 -5.02 1.09
N GLY A 459 20.49 -4.01 1.37
CA GLY A 459 20.56 -2.74 0.68
C GLY A 459 21.17 -1.65 1.53
N LEU A 460 20.54 -0.47 1.53
CA LEU A 460 21.08 0.72 2.19
C LEU A 460 20.95 0.66 3.70
N PHE A 461 20.07 -0.20 4.23
CA PHE A 461 19.83 -0.28 5.65
C PHE A 461 20.12 -1.69 6.15
N PRO A 462 20.53 -1.83 7.40
CA PRO A 462 20.68 -3.19 7.96
C PRO A 462 19.36 -3.92 7.92
N GLU A 463 19.42 -5.19 7.52
CA GLU A 463 18.24 -6.03 7.45
C GLU A 463 18.48 -7.31 8.23
N ASP A 464 17.39 -7.83 8.79
CA ASP A 464 17.40 -9.08 9.54
C ASP A 464 17.16 -10.21 8.54
N ILE A 465 18.25 -10.67 7.92
CA ILE A 465 18.13 -11.70 6.90
C ILE A 465 18.96 -12.92 7.28
N ASP A 466 18.61 -14.04 6.64
CA ASP A 466 19.36 -15.29 6.73
C ASP A 466 20.02 -15.51 5.37
N THR A 467 21.31 -15.20 5.27
CA THR A 467 22.01 -15.32 3.99
C THR A 467 22.30 -16.76 3.60
N SER A 468 22.11 -17.71 4.51
CA SER A 468 22.45 -19.09 4.21
C SER A 468 21.41 -19.76 3.34
N ASP A 469 20.21 -19.23 3.30
CA ASP A 469 19.11 -19.92 2.63
C ASP A 469 18.11 -18.85 2.20
N PRO A 470 18.11 -18.46 0.92
CA PRO A 470 17.27 -17.33 0.48
C PRO A 470 15.79 -17.48 0.77
N TRP A 471 15.28 -18.70 0.83
CA TRP A 471 13.83 -18.90 0.88
C TRP A 471 13.27 -18.98 2.29
N GLN A 472 14.10 -18.82 3.32
CA GLN A 472 13.62 -18.76 4.69
C GLN A 472 12.54 -17.71 4.82
N PHE A 473 11.51 -18.04 5.59
CA PHE A 473 10.46 -17.07 5.90
C PHE A 473 11.04 -15.78 6.48
N ARG A 474 12.13 -15.89 7.24
CA ARG A 474 12.82 -14.71 7.76
C ARG A 474 13.14 -13.70 6.65
N ASN A 475 13.43 -14.18 5.45
CA ASN A 475 13.74 -13.31 4.32
C ASN A 475 12.49 -12.91 3.54
N VAL A 476 11.43 -13.70 3.63
CA VAL A 476 10.22 -13.43 2.87
C VAL A 476 9.35 -12.40 3.59
N LEU A 477 9.19 -12.53 4.89
CA LEU A 477 8.27 -11.67 5.62
C LEU A 477 8.80 -10.23 5.62
N VAL A 478 7.92 -9.29 5.34
CA VAL A 478 8.23 -7.86 5.40
C VAL A 478 7.94 -7.37 6.81
N ARG A 479 8.93 -6.77 7.43
CA ARG A 479 8.72 -6.27 8.80
C ARG A 479 8.12 -4.87 8.81
N ASP B 6 -4.82 42.09 -13.65
CA ASP B 6 -4.35 43.06 -12.65
C ASP B 6 -3.60 42.35 -11.52
N TRP B 7 -2.64 41.52 -11.89
CA TRP B 7 -1.82 40.85 -10.88
C TRP B 7 -0.85 41.84 -10.24
N PRO B 8 -0.57 41.71 -8.95
CA PRO B 8 0.37 42.64 -8.32
C PRO B 8 1.81 42.40 -8.77
N VAL B 9 2.51 43.48 -9.08
CA VAL B 9 3.94 43.44 -9.36
C VAL B 9 4.65 43.89 -8.09
N TYR B 10 5.36 42.95 -7.44
CA TYR B 10 5.86 43.20 -6.10
C TYR B 10 7.17 43.99 -6.06
N HIS B 11 8.04 43.82 -7.05
CA HIS B 11 9.41 44.30 -6.91
C HIS B 11 10.08 44.27 -8.29
N ARG B 12 11.08 45.12 -8.46
CA ARG B 12 11.94 45.05 -9.63
C ARG B 12 13.17 44.22 -9.26
N ILE B 13 13.54 43.30 -10.14
CA ILE B 13 14.78 42.55 -9.99
C ILE B 13 15.80 43.22 -10.90
N ASP B 14 16.84 43.79 -10.30
N ASP B 14 16.85 43.77 -10.30
CA ASP B 14 17.81 44.66 -10.98
CA ASP B 14 17.81 44.64 -10.96
C ASP B 14 19.03 43.90 -11.48
C ASP B 14 19.05 43.88 -11.43
N GLY B 15 18.88 42.64 -11.85
CA GLY B 15 20.00 41.81 -12.21
C GLY B 15 19.50 40.52 -12.80
N PRO B 16 20.42 39.61 -13.10
CA PRO B 16 20.03 38.38 -13.78
C PRO B 16 19.21 37.46 -12.89
N ILE B 17 18.28 36.75 -13.52
CA ILE B 17 17.50 35.71 -12.85
C ILE B 17 17.96 34.40 -13.47
N VAL B 18 18.63 33.58 -12.68
CA VAL B 18 19.17 32.31 -13.14
C VAL B 18 18.36 31.21 -12.48
N MET B 19 17.53 30.55 -13.28
CA MET B 19 16.70 29.43 -12.82
CA MET B 19 16.73 29.44 -12.80
C MET B 19 17.44 28.13 -13.12
N ILE B 20 17.84 27.42 -12.09
CA ILE B 20 18.53 26.13 -12.21
C ILE B 20 17.47 25.06 -12.05
N GLY B 21 17.22 24.31 -13.11
CA GLY B 21 16.16 23.34 -13.11
C GLY B 21 14.87 23.82 -13.74
N PHE B 22 14.35 23.04 -14.68
CA PHE B 22 13.11 23.36 -15.36
C PHE B 22 12.27 22.10 -15.50
N GLY B 23 12.07 21.42 -14.37
CA GLY B 23 11.12 20.33 -14.22
C GLY B 23 9.77 20.84 -13.80
N SER B 24 9.03 20.06 -13.01
CA SER B 24 7.65 20.45 -12.73
C SER B 24 7.59 21.75 -11.94
N ILE B 25 8.54 21.96 -11.03
CA ILE B 25 8.47 23.18 -10.22
C ILE B 25 9.01 24.40 -10.99
N GLY B 26 10.12 24.24 -11.73
CA GLY B 26 10.58 25.36 -12.54
C GLY B 26 9.55 25.81 -13.56
N ARG B 27 8.81 24.85 -14.14
CA ARG B 27 7.80 25.19 -15.12
C ARG B 27 6.65 25.96 -14.49
N GLY B 28 6.31 25.66 -13.24
CA GLY B 28 5.24 26.36 -12.56
C GLY B 28 5.71 27.68 -11.98
N THR B 29 7.00 27.81 -11.68
CA THR B 29 7.52 29.03 -11.06
C THR B 29 7.81 30.12 -12.10
N LEU B 30 8.32 29.76 -13.27
CA LEU B 30 8.62 30.75 -14.30
C LEU B 30 7.46 31.70 -14.56
N PRO B 31 6.23 31.23 -14.81
CA PRO B 31 5.13 32.18 -15.08
C PRO B 31 4.84 33.12 -13.92
N LEU B 32 5.05 32.67 -12.68
CA LEU B 32 4.81 33.54 -11.53
C LEU B 32 5.90 34.60 -11.41
N ILE B 33 7.15 34.25 -11.73
CA ILE B 33 8.22 35.23 -11.74
C ILE B 33 7.95 36.30 -12.79
N GLU B 34 7.56 35.87 -14.00
CA GLU B 34 7.24 36.82 -15.07
C GLU B 34 6.06 37.70 -14.69
N ARG B 35 5.10 37.13 -13.97
CA ARG B 35 3.88 37.83 -13.63
C ARG B 35 4.11 38.89 -12.55
N HIS B 36 4.95 38.59 -11.57
CA HIS B 36 4.96 39.36 -10.34
C HIS B 36 6.19 40.20 -10.15
N PHE B 37 7.17 40.12 -11.05
CA PHE B 37 8.39 40.91 -10.93
C PHE B 37 8.65 41.70 -12.21
N ALA B 38 9.22 42.90 -12.05
CA ALA B 38 9.64 43.72 -13.18
C ALA B 38 11.11 43.46 -13.50
N PHE B 39 11.40 43.17 -14.76
CA PHE B 39 12.75 42.93 -15.24
C PHE B 39 12.70 42.83 -16.75
N ASP B 40 13.81 43.18 -17.39
CA ASP B 40 13.93 42.96 -18.82
C ASP B 40 13.94 41.47 -19.11
N ARG B 41 13.14 41.06 -20.10
CA ARG B 41 12.97 39.63 -20.41
C ARG B 41 14.31 38.91 -20.55
N SER B 42 15.28 39.55 -21.19
CA SER B 42 16.56 38.91 -21.48
C SER B 42 17.41 38.68 -20.24
N LYS B 43 16.97 39.16 -19.07
CA LYS B 43 17.70 38.95 -17.83
C LYS B 43 17.54 37.52 -17.31
N LEU B 44 16.51 36.82 -17.75
CA LEU B 44 16.19 35.52 -17.19
C LEU B 44 16.79 34.43 -18.06
N VAL B 45 17.46 33.47 -17.42
CA VAL B 45 18.00 32.32 -18.13
C VAL B 45 17.76 31.07 -17.30
N VAL B 46 17.41 29.99 -17.98
CA VAL B 46 17.10 28.70 -17.40
C VAL B 46 18.23 27.72 -17.76
N ILE B 47 18.64 26.93 -16.77
CA ILE B 47 19.71 25.95 -16.93
C ILE B 47 19.14 24.57 -16.58
N ASP B 48 19.20 23.64 -17.54
CA ASP B 48 18.69 22.29 -17.30
C ASP B 48 19.24 21.37 -18.39
N PRO B 49 19.74 20.17 -18.06
CA PRO B 49 20.31 19.31 -19.11
C PRO B 49 19.28 18.60 -19.99
N SER B 50 17.98 18.67 -19.67
CA SER B 50 16.95 17.85 -20.31
C SER B 50 16.54 18.42 -21.66
N ASP B 51 16.42 17.53 -22.65
CA ASP B 51 15.89 17.93 -23.94
C ASP B 51 14.43 18.33 -23.84
N GLU B 52 13.64 17.60 -23.05
CA GLU B 52 12.23 17.95 -22.84
C GLU B 52 12.11 19.36 -22.28
N ALA B 53 12.95 19.70 -21.30
CA ALA B 53 12.94 21.04 -20.73
C ALA B 53 13.35 22.08 -21.76
N ARG B 54 14.36 21.78 -22.55
CA ARG B 54 14.79 22.73 -23.59
C ARG B 54 13.63 23.06 -24.53
N LYS B 55 12.91 22.04 -25.00
CA LYS B 55 11.84 22.30 -25.96
C LYS B 55 10.74 23.15 -25.36
N LEU B 56 10.38 22.91 -24.08
CA LEU B 56 9.35 23.72 -23.45
C LEU B 56 9.82 25.16 -23.28
N ALA B 57 11.08 25.35 -22.89
CA ALA B 57 11.63 26.70 -22.72
C ALA B 57 11.67 27.44 -24.05
N GLU B 58 12.13 26.78 -25.10
CA GLU B 58 12.07 27.40 -26.42
C GLU B 58 10.65 27.83 -26.76
N ALA B 59 9.66 27.05 -26.32
CA ALA B 59 8.27 27.39 -26.59
C ALA B 59 7.80 28.57 -25.75
N ARG B 60 8.38 28.76 -24.56
CA ARG B 60 8.05 29.90 -23.71
C ARG B 60 8.84 31.16 -24.07
N GLY B 61 9.73 31.09 -25.05
CA GLY B 61 10.51 32.23 -25.47
C GLY B 61 11.61 32.64 -24.50
N VAL B 62 12.09 31.72 -23.66
CA VAL B 62 13.07 32.10 -22.65
C VAL B 62 14.43 31.51 -22.98
N ARG B 63 15.46 32.23 -22.54
CA ARG B 63 16.82 31.78 -22.70
C ARG B 63 17.02 30.48 -21.94
N PHE B 64 17.76 29.56 -22.54
CA PHE B 64 17.92 28.21 -22.01
C PHE B 64 19.33 27.73 -22.31
N ILE B 65 20.00 27.23 -21.28
CA ILE B 65 21.33 26.67 -21.40
C ILE B 65 21.22 25.20 -21.03
N GLN B 66 21.46 24.32 -22.00
CA GLN B 66 21.25 22.90 -21.78
C GLN B 66 22.52 22.30 -21.22
N GLN B 67 22.65 22.33 -19.90
CA GLN B 67 23.86 21.89 -19.24
C GLN B 67 23.50 21.39 -17.84
N ALA B 68 24.12 20.30 -17.42
CA ALA B 68 24.04 19.85 -16.04
C ALA B 68 25.03 20.65 -15.20
N VAL B 69 24.55 21.21 -14.10
CA VAL B 69 25.42 21.89 -13.15
C VAL B 69 26.08 20.83 -12.28
N THR B 70 27.41 20.86 -12.20
CA THR B 70 28.17 19.82 -11.53
C THR B 70 29.18 20.46 -10.60
N ARG B 71 29.75 19.66 -9.72
CA ARG B 71 30.79 20.18 -8.84
C ARG B 71 31.95 20.71 -9.67
N ASP B 72 32.21 20.13 -10.84
CA ASP B 72 33.34 20.53 -11.66
C ASP B 72 33.09 21.83 -12.41
N ASN B 73 31.83 22.17 -12.75
CA ASN B 73 31.60 23.34 -13.58
C ASN B 73 30.82 24.46 -12.93
N TYR B 74 30.35 24.31 -11.69
CA TYR B 74 29.34 25.27 -11.24
C TYR B 74 29.92 26.65 -11.06
N ARG B 75 31.19 26.74 -10.69
CA ARG B 75 31.78 28.06 -10.50
C ARG B 75 31.97 28.77 -11.83
N GLU B 76 32.50 28.06 -12.83
CA GLU B 76 32.74 28.72 -14.11
C GLU B 76 31.43 29.08 -14.81
N LEU B 77 30.37 28.30 -14.57
CA LEU B 77 29.09 28.60 -15.18
C LEU B 77 28.33 29.68 -14.43
N LEU B 78 28.21 29.55 -13.12
CA LEU B 78 27.24 30.37 -12.43
C LEU B 78 27.77 31.73 -12.00
N VAL B 79 29.07 31.88 -11.72
CA VAL B 79 29.56 33.20 -11.32
C VAL B 79 29.34 34.23 -12.41
N PRO B 80 29.72 33.99 -13.67
CA PRO B 80 29.42 35.02 -14.69
C PRO B 80 27.93 35.28 -14.86
N LEU B 81 27.11 34.22 -14.88
CA LEU B 81 25.69 34.43 -15.08
C LEU B 81 25.08 35.25 -13.95
N LEU B 82 25.48 35.00 -12.70
CA LEU B 82 24.85 35.69 -11.58
C LEU B 82 25.36 37.10 -11.36
N THR B 83 26.51 37.45 -11.95
CA THR B 83 27.10 38.77 -11.79
C THR B 83 27.03 39.59 -13.07
N ALA B 84 26.13 39.24 -14.00
CA ALA B 84 26.03 39.98 -15.26
C ALA B 84 25.57 41.43 -15.08
N GLY B 85 24.94 41.78 -13.96
CA GLY B 85 24.60 43.15 -13.66
C GLY B 85 23.21 43.56 -14.13
N PRO B 86 22.83 44.83 -13.94
CA PRO B 86 23.67 45.90 -13.37
C PRO B 86 23.78 45.80 -11.86
N GLY B 87 22.81 45.12 -11.27
CA GLY B 87 22.73 45.02 -9.83
C GLY B 87 22.57 43.59 -9.39
N GLN B 88 21.84 43.44 -8.29
CA GLN B 88 21.71 42.17 -7.61
C GLN B 88 20.82 41.20 -8.41
N GLY B 89 21.37 40.03 -8.70
CA GLY B 89 20.63 38.97 -9.34
C GLY B 89 19.97 38.05 -8.32
N PHE B 90 19.31 37.01 -8.85
CA PHE B 90 18.56 36.06 -8.03
C PHE B 90 18.76 34.67 -8.63
N CYS B 91 19.39 33.80 -7.87
CA CYS B 91 19.53 32.39 -8.23
C CYS B 91 18.30 31.64 -7.71
N VAL B 92 17.51 31.08 -8.61
CA VAL B 92 16.29 30.40 -8.25
C VAL B 92 16.55 28.92 -8.53
N ASN B 93 16.84 28.16 -7.49
CA ASN B 93 17.38 26.81 -7.65
C ASN B 93 16.27 25.81 -7.41
N LEU B 94 15.86 25.12 -8.47
CA LEU B 94 14.72 24.20 -8.49
C LEU B 94 15.12 22.90 -9.17
N SER B 95 16.27 22.37 -8.78
CA SER B 95 16.90 21.28 -9.49
C SER B 95 16.98 20.04 -8.61
N VAL B 96 17.42 18.94 -9.23
CA VAL B 96 17.94 17.78 -8.52
C VAL B 96 19.42 17.62 -8.86
N ASP B 97 20.12 16.86 -8.02
CA ASP B 97 21.47 16.37 -8.30
C ASP B 97 22.53 17.47 -8.17
N THR B 98 22.20 18.61 -7.60
CA THR B 98 23.09 19.75 -7.39
C THR B 98 23.18 20.07 -5.90
N SER B 99 24.33 20.58 -5.47
CA SER B 99 24.53 20.93 -4.06
C SER B 99 23.90 22.29 -3.75
N SER B 100 22.80 22.27 -3.01
CA SER B 100 22.22 23.52 -2.53
C SER B 100 23.23 24.33 -1.74
N LEU B 101 24.01 23.68 -0.88
CA LEU B 101 24.95 24.40 -0.05
C LEU B 101 26.02 25.11 -0.90
N ASP B 102 26.64 24.38 -1.81
CA ASP B 102 27.71 25.00 -2.61
C ASP B 102 27.16 26.12 -3.50
N ILE B 103 26.02 25.91 -4.15
CA ILE B 103 25.45 26.96 -4.99
C ILE B 103 25.02 28.16 -4.15
N MET B 104 24.41 27.90 -2.98
CA MET B 104 24.04 28.99 -2.07
C MET B 104 25.27 29.80 -1.65
N GLU B 105 26.34 29.12 -1.29
CA GLU B 105 27.53 29.86 -0.84
C GLU B 105 28.15 30.67 -1.98
N LEU B 106 28.12 30.11 -3.20
CA LEU B 106 28.60 30.84 -4.37
C LEU B 106 27.76 32.09 -4.62
N ALA B 107 26.44 31.95 -4.59
CA ALA B 107 25.57 33.11 -4.79
C ALA B 107 25.87 34.19 -3.77
N ARG B 108 25.97 33.79 -2.49
CA ARG B 108 26.23 34.77 -1.44
C ARG B 108 27.58 35.45 -1.62
N GLU B 109 28.60 34.70 -1.97
CA GLU B 109 29.89 35.37 -2.07
C GLU B 109 29.94 36.35 -3.24
N ASN B 110 29.02 36.24 -4.18
CA ASN B 110 28.93 37.16 -5.32
C ASN B 110 27.75 38.13 -5.22
N GLY B 111 27.08 38.18 -4.08
CA GLY B 111 26.07 39.18 -3.88
C GLY B 111 24.73 38.91 -4.54
N ALA B 112 24.48 37.68 -4.97
CA ALA B 112 23.21 37.31 -5.57
C ALA B 112 22.32 36.66 -4.52
N LEU B 113 21.04 37.01 -4.56
CA LEU B 113 20.04 36.34 -3.74
C LEU B 113 19.87 34.90 -4.20
N TYR B 114 19.36 34.07 -3.30
CA TYR B 114 19.27 32.65 -3.54
C TYR B 114 18.01 32.10 -2.88
N ILE B 115 17.36 31.14 -3.54
CA ILE B 115 16.28 30.37 -2.93
C ILE B 115 16.31 28.94 -3.48
N ASP B 116 15.94 27.98 -2.63
CA ASP B 116 15.72 26.61 -3.08
C ASP B 116 14.57 26.01 -2.26
N THR B 117 14.27 24.75 -2.53
CA THR B 117 13.13 24.05 -1.93
C THR B 117 13.56 22.77 -1.23
N VAL B 118 14.86 22.54 -1.08
CA VAL B 118 15.43 21.29 -0.60
C VAL B 118 16.91 21.51 -0.35
N VAL B 119 17.49 20.84 0.65
CA VAL B 119 18.95 20.79 0.81
C VAL B 119 19.41 19.59 -0.02
N GLU B 120 19.67 19.82 -1.30
CA GLU B 120 20.05 18.75 -2.21
C GLU B 120 21.58 18.60 -2.21
N PRO B 121 22.08 17.35 -2.33
CA PRO B 121 23.53 17.14 -2.45
C PRO B 121 23.97 16.96 -3.89
N TRP B 122 25.27 17.08 -4.16
CA TRP B 122 25.78 16.69 -5.47
C TRP B 122 25.42 15.24 -5.77
N LEU B 123 25.12 14.98 -7.04
CA LEU B 123 24.86 13.64 -7.53
C LEU B 123 25.85 12.64 -6.96
N GLY B 124 25.33 11.48 -6.54
CA GLY B 124 26.13 10.42 -5.96
C GLY B 124 25.85 10.17 -4.49
N PHE B 125 25.38 11.18 -3.78
CA PHE B 125 25.24 11.12 -2.32
C PHE B 125 24.13 10.17 -1.88
N TYR B 126 22.94 10.27 -2.47
CA TYR B 126 21.78 9.58 -1.90
C TYR B 126 21.96 8.06 -1.93
N PHE B 127 22.70 7.53 -2.90
CA PHE B 127 22.89 6.09 -3.05
C PHE B 127 24.33 5.68 -2.80
N ASP B 128 25.13 6.54 -2.20
CA ASP B 128 26.52 6.22 -1.89
C ASP B 128 26.56 5.04 -0.90
N PRO B 129 27.25 3.94 -1.21
CA PRO B 129 27.26 2.80 -0.27
C PRO B 129 28.19 2.98 0.90
N ASP B 130 29.16 3.90 0.83
CA ASP B 130 30.09 4.15 1.90
C ASP B 130 29.55 5.12 2.96
N LEU B 131 28.30 5.54 2.84
CA LEU B 131 27.71 6.47 3.80
C LEU B 131 26.88 5.71 4.81
N LYS B 132 27.06 6.02 6.08
CA LYS B 132 26.18 5.48 7.10
C LYS B 132 24.79 6.10 6.95
N PRO B 133 23.74 5.42 7.39
CA PRO B 133 22.41 6.00 7.28
C PRO B 133 22.30 7.40 7.88
N GLU B 134 22.95 7.64 9.02
N GLU B 134 22.93 7.64 9.01
CA GLU B 134 22.87 8.96 9.64
CA GLU B 134 22.83 8.97 9.60
C GLU B 134 23.41 10.04 8.71
C GLU B 134 23.38 10.03 8.67
N ALA B 135 24.45 9.71 7.94
CA ALA B 135 25.07 10.68 7.06
C ALA B 135 24.16 11.01 5.87
N ARG B 136 23.24 10.10 5.53
N ARG B 136 23.25 10.11 5.53
CA ARG B 136 22.28 10.32 4.45
CA ARG B 136 22.29 10.33 4.45
C ARG B 136 21.04 11.06 4.92
C ARG B 136 21.02 11.00 4.94
N SER B 137 20.99 11.48 6.18
CA SER B 137 19.78 12.06 6.74
C SER B 137 19.66 13.54 6.41
N ASN B 138 18.42 14.01 6.37
CA ASN B 138 18.17 15.42 6.16
C ASN B 138 18.64 16.25 7.35
N TYR B 139 18.66 15.67 8.54
CA TYR B 139 19.26 16.37 9.68
C TYR B 139 20.70 16.70 9.38
N ALA B 140 21.46 15.72 8.90
CA ALA B 140 22.87 15.95 8.56
C ALA B 140 23.01 16.99 7.44
N LEU B 141 22.19 16.88 6.39
CA LEU B 141 22.26 17.87 5.33
C LEU B 141 21.94 19.25 5.88
N ARG B 142 20.91 19.35 6.74
CA ARG B 142 20.54 20.64 7.29
C ARG B 142 21.66 21.21 8.13
N GLU B 143 22.38 20.34 8.85
CA GLU B 143 23.48 20.84 9.67
C GLU B 143 24.58 21.49 8.84
N THR B 144 24.76 21.10 7.57
CA THR B 144 25.73 21.80 6.74
C THR B 144 25.30 23.24 6.49
N VAL B 145 23.99 23.48 6.36
CA VAL B 145 23.50 24.84 6.19
C VAL B 145 23.67 25.64 7.48
N LEU B 146 23.36 25.02 8.63
CA LEU B 146 23.53 25.71 9.91
C LEU B 146 25.00 26.07 10.14
N ALA B 147 25.90 25.17 9.78
CA ALA B 147 27.32 25.46 9.93
C ALA B 147 27.75 26.59 9.00
N ALA B 148 27.26 26.59 7.76
CA ALA B 148 27.57 27.66 6.84
C ALA B 148 27.16 29.01 7.42
N ARG B 149 25.99 29.06 8.07
CA ARG B 149 25.51 30.29 8.67
C ARG B 149 26.37 30.70 9.87
N ARG B 150 26.81 29.74 10.68
CA ARG B 150 27.70 30.10 11.79
C ARG B 150 29.04 30.64 11.27
N ASN B 151 29.50 30.11 10.15
CA ASN B 151 30.79 30.52 9.61
C ASN B 151 30.72 31.90 8.97
N LYS B 152 29.57 32.26 8.41
CA LYS B 152 29.40 33.54 7.72
C LYS B 152 28.03 34.10 8.06
N PRO B 153 27.89 34.66 9.27
CA PRO B 153 26.62 35.25 9.67
C PRO B 153 26.29 36.51 8.87
N GLY B 154 25.01 36.78 8.73
CA GLY B 154 24.63 37.93 7.94
C GLY B 154 25.00 37.79 6.46
N GLY B 155 25.08 38.94 5.79
CA GLY B 155 25.31 38.95 4.36
C GLY B 155 24.01 38.83 3.59
N THR B 156 24.18 38.60 2.28
CA THR B 156 23.06 38.52 1.36
C THR B 156 22.11 37.40 1.74
N THR B 157 20.82 37.68 1.60
CA THR B 157 19.80 36.70 1.95
C THR B 157 19.86 35.47 1.06
N ALA B 158 19.81 34.30 1.69
CA ALA B 158 19.66 33.03 1.00
C ALA B 158 18.61 32.24 1.74
N VAL B 159 17.55 31.84 1.05
CA VAL B 159 16.41 31.16 1.65
C VAL B 159 16.53 29.67 1.37
N SER B 160 16.69 28.88 2.41
CA SER B 160 16.81 27.43 2.30
C SER B 160 15.45 26.78 2.51
N CYS B 161 15.07 25.91 1.57
CA CYS B 161 13.90 25.04 1.73
C CYS B 161 12.60 25.82 1.84
N CYS B 162 12.30 26.59 0.78
CA CYS B 162 11.11 27.41 0.74
C CYS B 162 10.23 26.99 -0.43
N GLY B 163 9.75 25.76 -0.39
CA GLY B 163 8.66 25.28 -1.23
C GLY B 163 7.36 25.21 -0.45
N ALA B 164 6.53 24.24 -0.80
CA ALA B 164 5.30 24.01 -0.03
C ALA B 164 5.60 23.34 1.29
N ASN B 165 6.33 22.23 1.27
CA ASN B 165 6.75 21.52 2.46
C ASN B 165 8.05 20.79 2.17
N PRO B 166 9.19 21.24 2.70
CA PRO B 166 9.37 22.42 3.56
C PRO B 166 9.04 23.74 2.88
N GLY B 167 8.72 24.75 3.69
CA GLY B 167 8.48 26.11 3.26
C GLY B 167 7.19 26.64 3.85
N MET B 168 6.16 26.67 3.02
CA MET B 168 4.84 27.20 3.42
C MET B 168 4.34 26.62 4.73
N VAL B 169 4.63 25.35 5.01
CA VAL B 169 4.04 24.75 6.20
C VAL B 169 4.59 25.39 7.46
N SER B 170 5.79 25.96 7.42
CA SER B 170 6.28 26.71 8.58
C SER B 170 5.41 27.92 8.87
N TRP B 171 4.93 28.60 7.82
CA TRP B 171 4.03 29.73 8.01
C TRP B 171 2.69 29.26 8.55
N PHE B 172 2.21 28.11 8.05
CA PHE B 172 0.98 27.53 8.58
C PHE B 172 1.12 27.21 10.07
N VAL B 173 2.29 26.74 10.51
CA VAL B 173 2.43 26.43 11.94
C VAL B 173 2.21 27.70 12.76
N LYS B 174 2.81 28.81 12.32
CA LYS B 174 2.65 30.07 13.06
C LYS B 174 1.19 30.52 13.06
N GLN B 175 0.54 30.49 11.90
CA GLN B 175 -0.86 30.88 11.86
C GLN B 175 -1.70 29.96 12.74
N ALA B 176 -1.39 28.67 12.74
CA ALA B 176 -2.18 27.74 13.54
C ALA B 176 -1.99 28.00 15.04
N LEU B 177 -0.77 28.32 15.45
CA LEU B 177 -0.53 28.64 16.86
C LEU B 177 -1.32 29.88 17.27
N VAL B 178 -1.32 30.92 16.42
CA VAL B 178 -2.09 32.12 16.70
C VAL B 178 -3.57 31.79 16.79
N ASN B 179 -4.04 30.95 15.87
CA ASN B 179 -5.46 30.60 15.86
C ASN B 179 -5.84 29.80 17.10
N LEU B 180 -5.01 28.84 17.49
CA LEU B 180 -5.31 28.06 18.70
C LEU B 180 -5.46 28.98 19.90
N ALA B 181 -4.52 29.91 20.07
CA ALA B 181 -4.57 30.85 21.18
C ALA B 181 -5.85 31.67 21.14
N ALA B 182 -6.16 32.24 19.97
CA ALA B 182 -7.37 33.04 19.83
C ALA B 182 -8.61 32.23 20.15
N ASP B 183 -8.68 30.99 19.67
CA ASP B 183 -9.84 30.16 19.89
C ASP B 183 -10.02 29.80 21.36
N LEU B 184 -8.95 29.82 22.16
CA LEU B 184 -9.04 29.63 23.60
C LEU B 184 -9.40 30.91 24.34
N GLY B 185 -9.48 32.05 23.67
CA GLY B 185 -9.70 33.31 24.36
C GLY B 185 -8.44 34.00 24.85
N VAL B 186 -7.28 33.54 24.39
CA VAL B 186 -6.02 34.16 24.77
C VAL B 186 -5.76 35.31 23.80
N THR B 187 -5.82 36.53 24.30
CA THR B 187 -5.56 37.73 23.50
C THR B 187 -4.20 38.31 23.86
N GLY B 188 -3.75 39.25 23.04
CA GLY B 188 -2.50 39.94 23.28
C GLY B 188 -1.57 39.85 22.08
N GLU B 189 -0.49 40.62 22.19
CA GLU B 189 0.49 40.67 21.11
C GLU B 189 0.94 39.26 20.73
N GLU B 190 0.92 38.97 19.43
CA GLU B 190 1.40 37.67 18.99
C GLU B 190 2.92 37.66 19.04
N PRO B 191 3.53 36.47 19.04
CA PRO B 191 4.97 36.41 19.21
C PRO B 191 5.70 37.16 18.12
N THR B 192 6.87 37.66 18.48
N THR B 192 6.86 37.71 18.48
CA THR B 192 7.74 38.36 17.56
CA THR B 192 7.73 38.34 17.50
C THR B 192 9.11 37.72 17.44
C THR B 192 9.12 37.71 17.41
N THR B 193 9.58 37.02 18.46
CA THR B 193 10.88 36.36 18.46
C THR B 193 10.70 34.85 18.42
N ARG B 194 11.76 34.17 18.01
CA ARG B 194 11.77 32.71 18.01
C ARG B 194 11.44 32.16 19.39
N GLU B 195 12.05 32.74 20.43
CA GLU B 195 11.76 32.31 21.80
C GLU B 195 10.28 32.43 22.10
N GLU B 196 9.64 33.53 21.67
CA GLU B 196 8.23 33.74 21.96
C GLU B 196 7.37 32.74 21.21
N TRP B 197 7.73 32.40 19.97
CA TRP B 197 7.01 31.36 19.23
C TRP B 197 7.14 30.00 19.91
N ALA B 198 8.35 29.64 20.34
CA ALA B 198 8.55 28.36 21.00
C ALA B 198 7.75 28.29 22.31
N ARG B 199 7.76 29.40 23.09
CA ARG B 199 6.99 29.41 24.33
C ARG B 199 5.48 29.38 24.08
N LEU B 200 5.01 29.95 22.97
CA LEU B 200 3.58 29.83 22.62
C LEU B 200 3.18 28.38 22.40
N ALA B 201 4.00 27.63 21.63
CA ALA B 201 3.73 26.21 21.44
C ALA B 201 3.76 25.48 22.78
N MET B 202 4.77 25.78 23.59
CA MET B 202 4.87 25.14 24.90
C MET B 202 3.66 25.46 25.75
N ASP B 203 3.29 26.74 25.83
CA ASP B 203 2.25 27.20 26.75
C ASP B 203 0.89 26.61 26.34
N LEU B 204 0.62 26.55 25.03
CA LEU B 204 -0.61 25.95 24.54
C LEU B 204 -0.65 24.45 24.66
N GLY B 205 0.47 23.80 25.00
CA GLY B 205 0.48 22.36 25.18
C GLY B 205 0.52 21.59 23.88
N VAL B 206 1.14 22.15 22.85
CA VAL B 206 1.30 21.42 21.60
C VAL B 206 2.36 20.35 21.79
N LYS B 207 1.97 19.09 21.68
CA LYS B 207 2.92 18.01 21.86
C LYS B 207 3.67 17.68 20.58
N GLY B 208 3.01 17.82 19.45
CA GLY B 208 3.63 17.48 18.18
C GLY B 208 2.82 18.03 17.02
N ILE B 209 3.40 17.88 15.84
CA ILE B 209 2.88 18.43 14.60
C ILE B 209 3.12 17.41 13.50
N HIS B 210 2.06 17.03 12.79
CA HIS B 210 2.25 16.31 11.53
C HIS B 210 2.15 17.30 10.38
N ILE B 211 3.05 17.17 9.40
CA ILE B 211 2.82 17.74 8.10
C ILE B 211 1.89 16.76 7.40
N ALA B 212 0.60 17.08 7.39
CA ALA B 212 -0.46 16.11 7.11
C ALA B 212 -1.07 16.42 5.77
N ALA B 213 -0.85 15.54 4.80
CA ALA B 213 -1.14 15.82 3.40
C ALA B 213 -1.88 14.68 2.75
N ARG B 214 -2.82 15.01 1.87
CA ARG B 214 -3.54 14.03 1.06
C ARG B 214 -3.71 14.60 -0.35
N ASP B 215 -3.05 13.96 -1.32
CA ASP B 215 -3.12 14.30 -2.73
C ASP B 215 -4.15 13.38 -3.38
N THR B 216 -5.21 13.95 -3.94
CA THR B 216 -6.26 13.15 -4.58
C THR B 216 -6.30 13.32 -6.10
N GLN B 217 -5.29 13.95 -6.68
CA GLN B 217 -5.23 14.07 -8.13
C GLN B 217 -5.11 12.69 -8.78
N ARG B 218 -5.79 12.52 -9.90
CA ARG B 218 -5.73 11.25 -10.63
C ARG B 218 -5.85 11.55 -12.10
N ALA B 219 -5.36 10.63 -12.92
CA ALA B 219 -5.17 10.90 -14.33
C ALA B 219 -6.25 10.24 -15.17
N SER B 220 -6.29 10.64 -16.44
CA SER B 220 -7.22 10.08 -17.40
C SER B 220 -6.80 8.70 -17.88
N PHE B 221 -5.62 8.24 -17.49
CA PHE B 221 -5.20 6.87 -17.75
C PHE B 221 -4.85 6.23 -16.43
N PRO B 222 -5.05 4.92 -16.29
CA PRO B 222 -4.69 4.25 -15.05
C PRO B 222 -3.19 4.05 -14.93
N LYS B 223 -2.75 3.77 -13.71
CA LYS B 223 -1.33 3.59 -13.47
C LYS B 223 -0.74 2.53 -14.40
N PRO B 224 0.27 2.85 -15.19
CA PRO B 224 0.89 1.83 -16.05
C PRO B 224 1.82 0.93 -15.27
N PHE B 225 1.82 -0.35 -15.62
CA PHE B 225 2.71 -1.33 -15.02
C PHE B 225 4.16 -0.89 -15.24
N ASP B 226 4.97 -0.98 -14.20
CA ASP B 226 6.40 -0.70 -14.27
C ASP B 226 6.67 0.75 -14.68
N VAL B 227 5.78 1.65 -14.25
CA VAL B 227 5.96 3.09 -14.42
C VAL B 227 5.64 3.74 -13.09
N PHE B 228 6.60 4.48 -12.53
CA PHE B 228 6.32 5.25 -11.31
C PHE B 228 5.62 6.55 -11.70
N VAL B 229 4.47 6.82 -11.07
CA VAL B 229 3.65 8.00 -11.35
C VAL B 229 3.61 8.89 -10.12
N ASN B 230 3.80 10.20 -10.31
CA ASN B 230 3.72 11.16 -9.23
C ASN B 230 3.21 12.49 -9.79
N THR B 231 2.86 13.40 -8.89
CA THR B 231 2.40 14.75 -9.29
C THR B 231 3.51 15.79 -9.23
N TRP B 232 4.69 15.39 -8.77
CA TRP B 232 5.90 16.21 -8.75
C TRP B 232 7.06 15.24 -8.93
N SER B 233 8.28 15.75 -8.84
CA SER B 233 9.47 14.94 -9.08
C SER B 233 9.34 13.47 -8.70
N VAL B 234 9.50 12.55 -9.67
CA VAL B 234 9.66 11.15 -9.31
C VAL B 234 11.05 10.92 -8.72
N GLU B 235 12.09 11.43 -9.38
CA GLU B 235 13.45 11.23 -8.87
C GLU B 235 13.57 11.77 -7.46
N GLY B 236 13.06 12.98 -7.24
CA GLY B 236 13.17 13.59 -5.92
C GLY B 236 12.35 12.88 -4.85
N PHE B 237 11.17 12.40 -5.21
CA PHE B 237 10.36 11.67 -4.23
C PHE B 237 11.00 10.35 -3.88
N VAL B 238 11.54 9.65 -4.87
CA VAL B 238 12.21 8.39 -4.57
C VAL B 238 13.44 8.64 -3.73
N SER B 239 14.22 9.68 -4.04
N SER B 239 14.20 9.70 -4.03
CA SER B 239 15.40 10.01 -3.23
CA SER B 239 15.39 10.01 -3.24
C SER B 239 15.03 10.18 -1.76
C SER B 239 15.05 10.20 -1.76
N GLU B 240 14.06 11.06 -1.47
CA GLU B 240 13.71 11.27 -0.07
C GLU B 240 13.02 10.04 0.51
N GLY B 241 12.32 9.27 -0.33
CA GLY B 241 11.61 8.09 0.17
C GLY B 241 12.56 6.98 0.60
N LEU B 242 13.75 6.95 0.01
CA LEU B 242 14.75 5.94 0.35
C LEU B 242 15.74 6.41 1.41
N GLN B 243 15.76 7.71 1.72
CA GLN B 243 16.45 8.18 2.90
C GLN B 243 15.79 7.60 4.14
N PRO B 244 16.51 7.55 5.26
CA PRO B 244 15.88 7.08 6.49
C PRO B 244 14.64 7.89 6.84
N ALA B 245 13.66 7.19 7.42
CA ALA B 245 12.56 7.86 8.08
C ALA B 245 13.11 8.77 9.17
N GLU B 246 12.53 9.96 9.33
CA GLU B 246 13.15 10.98 10.13
C GLU B 246 12.08 11.86 10.75
N LEU B 247 12.33 12.33 11.97
CA LEU B 247 11.36 13.17 12.63
C LEU B 247 12.05 14.11 13.62
N GLY B 248 11.47 15.30 13.76
CA GLY B 248 11.78 16.11 14.91
C GLY B 248 11.15 15.47 16.13
N TRP B 249 11.89 15.43 17.22
CA TRP B 249 11.55 14.53 18.33
C TRP B 249 11.16 15.34 19.56
N GLY B 250 9.91 15.18 19.97
CA GLY B 250 9.38 16.01 21.05
C GLY B 250 9.82 15.55 22.43
N THR B 251 9.84 16.49 23.34
CA THR B 251 10.16 16.19 24.73
C THR B 251 9.09 15.32 25.40
N PHE B 252 7.85 15.32 24.89
CA PHE B 252 6.81 14.51 25.54
C PHE B 252 6.90 13.03 25.21
N GLU B 253 7.64 12.64 24.16
CA GLU B 253 7.71 11.24 23.74
C GLU B 253 8.40 10.40 24.81
N ARG B 254 7.83 9.23 25.08
CA ARG B 254 8.36 8.32 26.10
C ARG B 254 8.80 6.98 25.53
N TRP B 255 8.73 6.79 24.21
CA TRP B 255 9.11 5.56 23.54
C TRP B 255 9.68 5.87 22.18
N MET B 256 10.68 5.12 21.76
CA MET B 256 11.08 5.11 20.36
C MET B 256 11.40 3.69 19.96
N PRO B 257 11.31 3.37 18.68
CA PRO B 257 11.58 1.99 18.25
C PRO B 257 13.04 1.62 18.46
N ASP B 258 13.27 0.30 18.50
CA ASP B 258 14.61 -0.22 18.72
C ASP B 258 15.57 0.22 17.62
N ASN B 259 15.07 0.48 16.40
CA ASN B 259 15.94 0.88 15.31
C ASN B 259 15.94 2.39 15.08
N ALA B 260 15.51 3.16 16.07
CA ALA B 260 15.66 4.61 16.08
C ALA B 260 17.00 5.01 16.67
N ARG B 261 17.54 6.11 16.17
CA ARG B 261 18.83 6.63 16.61
C ARG B 261 18.74 8.15 16.65
N GLY B 262 19.51 8.74 17.56
CA GLY B 262 19.72 10.18 17.61
C GLY B 262 20.97 10.61 16.89
N HIS B 263 21.44 11.80 17.23
CA HIS B 263 22.63 12.38 16.62
C HIS B 263 23.60 12.84 17.69
N ASP B 264 24.89 12.63 17.44
CA ASP B 264 25.92 13.10 18.38
C ASP B 264 25.99 14.62 18.47
N SER B 265 25.65 15.30 17.38
CA SER B 265 25.98 16.70 17.20
C SER B 265 24.78 17.40 16.60
N GLY B 266 24.90 18.72 16.48
CA GLY B 266 23.90 19.51 15.79
C GLY B 266 22.88 20.13 16.74
N CYS B 267 21.78 20.58 16.14
CA CYS B 267 20.77 21.34 16.86
C CYS B 267 20.04 20.52 17.92
N GLY B 268 20.08 19.20 17.84
CA GLY B 268 19.57 18.32 18.87
C GLY B 268 18.15 17.87 18.70
N ALA B 269 17.48 18.26 17.61
CA ALA B 269 16.04 18.15 17.50
C ALA B 269 15.53 16.87 16.83
N GLY B 270 16.40 15.96 16.38
CA GLY B 270 15.99 14.90 15.48
C GLY B 270 16.30 13.49 15.94
N ILE B 271 15.47 12.55 15.48
CA ILE B 271 15.85 11.14 15.42
C ILE B 271 15.60 10.64 13.99
N TYR B 272 16.17 9.48 13.70
CA TYR B 272 15.90 8.80 12.44
C TYR B 272 15.75 7.32 12.73
N LEU B 273 15.11 6.62 11.80
CA LEU B 273 14.91 5.18 11.89
C LEU B 273 15.74 4.51 10.81
N LEU B 274 16.19 3.29 11.10
CA LEU B 274 17.04 2.54 10.18
C LEU B 274 16.20 1.76 9.17
N GLN B 275 15.37 2.53 8.45
CA GLN B 275 14.46 1.99 7.44
C GLN B 275 14.03 3.13 6.52
N PRO B 276 13.67 2.84 5.27
CA PRO B 276 13.28 3.92 4.36
C PRO B 276 11.92 4.52 4.71
N GLY B 277 11.86 5.85 4.63
CA GLY B 277 10.66 6.56 5.07
C GLY B 277 9.45 6.30 4.19
N ALA B 278 9.64 6.09 2.88
CA ALA B 278 8.49 5.84 2.03
C ALA B 278 7.93 4.44 2.20
N ASN B 279 8.59 3.58 2.99
CA ASN B 279 8.02 2.29 3.37
C ASN B 279 7.78 2.24 4.87
N THR B 280 7.55 3.40 5.48
CA THR B 280 7.22 3.55 6.90
C THR B 280 5.88 4.27 6.98
N ARG B 281 4.90 3.69 7.68
CA ARG B 281 3.58 4.29 7.74
C ARG B 281 3.29 4.83 9.14
N VAL B 282 2.53 5.91 9.19
CA VAL B 282 2.08 6.55 10.41
C VAL B 282 0.59 6.79 10.32
N ARG B 283 -0.07 6.72 11.47
CA ARG B 283 -1.49 7.05 11.56
C ARG B 283 -1.67 8.56 11.67
N SER B 284 -2.47 9.14 10.78
CA SER B 284 -2.64 10.58 10.77
C SER B 284 -4.03 10.92 10.25
N TRP B 285 -4.24 12.19 9.89
CA TRP B 285 -5.58 12.71 9.67
C TRP B 285 -5.53 13.99 8.87
N THR B 286 -6.42 14.15 7.89
CA THR B 286 -6.65 15.44 7.24
C THR B 286 -8.15 15.62 7.09
N PRO B 287 -8.61 16.83 6.79
CA PRO B 287 -10.08 17.03 6.75
C PRO B 287 -10.76 16.21 5.68
N THR B 288 -10.17 16.09 4.50
CA THR B 288 -10.82 15.36 3.43
C THR B 288 -10.58 13.86 3.55
N ALA B 289 -9.38 13.46 4.02
CA ALA B 289 -9.08 12.04 4.19
C ALA B 289 -9.71 11.45 5.44
N MET B 290 -9.99 12.28 6.43
CA MET B 290 -10.20 11.82 7.81
C MET B 290 -9.03 10.91 8.17
N ALA B 291 -9.23 9.87 8.98
CA ALA B 291 -8.09 9.03 9.38
C ALA B 291 -7.48 8.33 8.17
N GLN B 292 -6.14 8.39 8.07
CA GLN B 292 -5.44 7.80 6.93
C GLN B 292 -4.03 7.39 7.36
N TYR B 293 -3.42 6.51 6.57
CA TYR B 293 -1.99 6.32 6.66
C TYR B 293 -1.26 7.44 5.94
N GLY B 294 -0.19 7.92 6.55
CA GLY B 294 0.78 8.72 5.83
C GLY B 294 2.09 7.95 5.78
N PHE B 295 2.96 8.28 4.82
CA PHE B 295 4.33 7.79 4.85
C PHE B 295 5.24 8.76 5.58
N LEU B 296 6.15 8.21 6.37
CA LEU B 296 7.04 8.98 7.24
C LEU B 296 8.32 9.33 6.48
N VAL B 297 8.14 10.09 5.41
CA VAL B 297 9.24 10.49 4.54
C VAL B 297 9.98 11.65 5.20
N THR B 298 11.31 11.56 5.21
CA THR B 298 12.08 12.64 5.80
C THR B 298 11.90 13.95 5.03
N HIS B 299 11.97 15.05 5.76
CA HIS B 299 11.75 16.38 5.24
C HIS B 299 12.50 17.37 6.11
N ASN B 300 12.98 18.45 5.50
CA ASN B 300 13.74 19.45 6.25
C ASN B 300 12.93 20.04 7.39
N GLU B 301 11.64 20.32 7.16
CA GLU B 301 10.83 21.00 8.17
C GLU B 301 10.55 20.12 9.37
N SER B 302 10.62 18.80 9.23
CA SER B 302 10.48 17.95 10.40
C SER B 302 11.49 18.33 11.46
N ILE B 303 12.71 18.62 11.02
CA ILE B 303 13.75 19.07 11.93
C ILE B 303 13.64 20.57 12.20
N SER B 304 13.41 21.38 11.16
CA SER B 304 13.54 22.84 11.32
C SER B 304 12.41 23.41 12.19
N ILE B 305 11.21 22.86 12.08
CA ILE B 305 10.09 23.34 12.91
C ILE B 305 10.29 22.93 14.37
N ALA B 306 10.69 21.69 14.62
CA ALA B 306 10.97 21.25 15.98
C ALA B 306 12.09 22.08 16.60
N ASP B 307 13.14 22.33 15.82
CA ASP B 307 14.24 23.19 16.26
C ASP B 307 13.75 24.59 16.59
N PHE B 308 13.01 25.20 15.67
CA PHE B 308 12.51 26.55 15.86
C PHE B 308 11.66 26.68 17.13
N LEU B 309 10.83 25.67 17.42
CA LEU B 309 9.92 25.72 18.56
C LEU B 309 10.52 25.08 19.81
N THR B 310 11.85 25.01 19.92
CA THR B 310 12.51 24.49 21.09
C THR B 310 12.70 25.60 22.14
N VAL B 311 12.31 25.28 23.38
CA VAL B 311 12.59 26.10 24.56
C VAL B 311 13.70 25.45 25.34
N ARG B 312 14.72 26.21 25.71
CA ARG B 312 15.86 25.69 26.46
C ARG B 312 15.93 26.32 27.84
N ASP B 313 16.59 25.62 28.76
CA ASP B 313 16.82 26.18 30.08
C ASP B 313 18.15 26.93 30.11
N ALA B 314 18.49 27.49 31.27
CA ALA B 314 19.70 28.31 31.39
C ALA B 314 20.94 27.54 30.98
N ALA B 315 21.00 26.24 31.28
CA ALA B 315 22.17 25.45 30.92
C ALA B 315 22.22 25.10 29.44
N GLY B 316 21.18 25.41 28.67
CA GLY B 316 21.16 25.10 27.26
C GLY B 316 20.44 23.81 26.91
N GLN B 317 19.84 23.14 27.88
CA GLN B 317 19.17 21.87 27.62
C GLN B 317 17.73 22.13 27.19
N ALA B 318 17.24 21.32 26.25
CA ALA B 318 15.87 21.48 25.77
C ALA B 318 14.89 21.09 26.86
N VAL B 319 13.97 22.01 27.18
CA VAL B 319 12.92 21.79 28.17
C VAL B 319 11.60 21.47 27.48
N TYR B 320 11.39 22.04 26.30
CA TYR B 320 10.22 21.75 25.48
C TYR B 320 10.63 21.74 24.01
N ARG B 321 10.09 20.77 23.28
CA ARG B 321 10.24 20.70 21.84
C ARG B 321 9.09 19.86 21.32
N PRO B 322 8.41 20.26 20.23
CA PRO B 322 7.37 19.39 19.68
C PRO B 322 7.94 18.28 18.82
N THR B 323 7.24 17.16 18.77
CA THR B 323 7.48 16.20 17.70
C THR B 323 7.02 16.83 16.39
N CYS B 324 7.73 16.56 15.30
CA CYS B 324 7.32 17.11 14.02
C CYS B 324 7.73 16.15 12.91
N HIS B 325 6.79 15.69 12.09
CA HIS B 325 7.20 14.89 10.96
C HIS B 325 6.13 14.84 9.88
N TYR B 326 6.56 14.36 8.72
CA TYR B 326 5.71 14.22 7.56
C TYR B 326 4.79 13.03 7.76
N ALA B 327 3.55 13.17 7.29
CA ALA B 327 2.58 12.07 7.28
C ALA B 327 1.91 12.18 5.91
N TYR B 328 2.58 11.66 4.89
CA TYR B 328 2.28 11.95 3.49
C TYR B 328 1.42 10.86 2.88
N HIS B 329 0.24 11.22 2.37
CA HIS B 329 -0.54 10.31 1.55
C HIS B 329 -0.52 10.88 0.14
N PRO B 330 0.36 10.40 -0.74
CA PRO B 330 0.43 10.96 -2.09
C PRO B 330 -0.75 10.51 -2.94
N CYS B 331 -0.77 10.88 -4.21
CA CYS B 331 -1.87 10.47 -5.05
C CYS B 331 -1.92 8.93 -5.13
N ASN B 332 -3.09 8.42 -5.50
CA ASN B 332 -3.27 6.97 -5.49
C ASN B 332 -2.27 6.25 -6.40
N ASP B 333 -1.96 6.83 -7.56
CA ASP B 333 -1.00 6.17 -8.44
C ASP B 333 0.39 6.18 -7.84
N ALA B 334 0.73 7.19 -7.01
CA ALA B 334 1.99 7.16 -6.28
C ALA B 334 1.99 6.12 -5.16
N VAL B 335 0.87 5.96 -4.46
CA VAL B 335 0.74 4.86 -3.51
C VAL B 335 1.01 3.52 -4.22
N LEU B 336 0.37 3.32 -5.38
CA LEU B 336 0.62 2.09 -6.11
C LEU B 336 2.06 2.01 -6.58
N SER B 337 2.65 3.16 -6.96
CA SER B 337 4.04 3.14 -7.40
C SER B 337 4.98 2.69 -6.29
N LEU B 338 4.69 3.11 -5.06
CA LEU B 338 5.54 2.71 -3.94
C LEU B 338 5.40 1.23 -3.64
N HIS B 339 4.15 0.74 -3.65
CA HIS B 339 3.92 -0.68 -3.45
C HIS B 339 4.68 -1.50 -4.48
N GLU B 340 4.67 -1.03 -5.73
CA GLU B 340 5.38 -1.71 -6.82
C GLU B 340 6.89 -1.66 -6.63
N MET B 341 7.42 -0.47 -6.31
CA MET B 341 8.86 -0.29 -6.20
C MET B 341 9.42 -1.09 -5.01
N PHE B 342 8.84 -0.92 -3.83
CA PHE B 342 9.34 -1.68 -2.70
C PHE B 342 9.06 -3.18 -2.87
N GLY B 343 7.95 -3.54 -3.51
CA GLY B 343 7.66 -4.95 -3.71
C GLY B 343 8.61 -5.64 -4.68
N SER B 344 9.13 -4.90 -5.66
CA SER B 344 10.09 -5.44 -6.60
C SER B 344 11.54 -5.31 -6.14
N GLY B 345 11.82 -4.45 -5.18
CA GLY B 345 13.17 -4.22 -4.75
C GLY B 345 13.98 -3.31 -5.64
N LYS B 346 13.36 -2.63 -6.60
CA LYS B 346 14.10 -1.79 -7.52
C LYS B 346 13.18 -0.73 -8.11
N ARG B 347 13.81 0.34 -8.60
CA ARG B 347 13.08 1.39 -9.30
C ARG B 347 12.46 0.86 -10.59
N GLN B 348 11.28 1.37 -10.89
CA GLN B 348 10.63 1.06 -12.15
C GLN B 348 11.50 1.47 -13.34
N SER B 349 11.24 0.82 -14.48
CA SER B 349 11.97 1.10 -15.72
C SER B 349 11.71 2.52 -16.24
N ASP B 350 10.56 3.10 -15.90
CA ASP B 350 10.15 4.39 -16.45
C ASP B 350 9.37 5.15 -15.39
N TRP B 351 9.20 6.45 -15.61
CA TRP B 351 8.41 7.25 -14.69
C TRP B 351 7.74 8.39 -15.44
N ARG B 352 6.73 8.98 -14.82
CA ARG B 352 6.12 10.17 -15.37
C ARG B 352 5.48 11.02 -14.27
N ILE B 353 5.51 12.31 -14.52
CA ILE B 353 4.86 13.30 -13.67
C ILE B 353 3.57 13.73 -14.35
N LEU B 354 2.47 13.65 -13.63
CA LEU B 354 1.17 14.00 -14.18
C LEU B 354 1.10 15.50 -14.50
N ASP B 355 0.77 15.80 -15.75
CA ASP B 355 0.53 17.14 -16.27
C ASP B 355 -0.91 17.55 -15.96
N GLU B 356 -1.14 18.86 -15.86
CA GLU B 356 -2.50 19.32 -15.62
C GLU B 356 -3.45 18.84 -16.72
N THR B 357 -2.96 18.67 -17.95
CA THR B 357 -3.84 18.21 -19.03
C THR B 357 -4.25 16.76 -18.89
N GLU B 358 -3.53 15.99 -18.08
CA GLU B 358 -3.81 14.57 -17.85
C GLU B 358 -4.66 14.32 -16.62
N ILE B 359 -4.86 15.31 -15.78
CA ILE B 359 -5.50 15.12 -14.48
C ILE B 359 -6.99 15.37 -14.61
N VAL B 360 -7.79 14.39 -14.16
CA VAL B 360 -9.24 14.44 -14.34
C VAL B 360 -9.89 15.28 -13.25
N ASP B 361 -9.38 15.20 -12.02
CA ASP B 361 -9.93 15.93 -10.90
C ASP B 361 -8.98 15.74 -9.73
N GLY B 362 -9.30 16.36 -8.62
CA GLY B 362 -8.57 16.15 -7.39
C GLY B 362 -8.01 17.45 -6.81
N ILE B 363 -7.48 17.31 -5.60
CA ILE B 363 -6.92 18.43 -4.85
C ILE B 363 -5.58 17.99 -4.27
N ASP B 364 -4.80 18.97 -3.82
CA ASP B 364 -3.63 18.67 -3.00
C ASP B 364 -3.91 19.29 -1.63
N GLU B 365 -4.38 18.46 -0.70
CA GLU B 365 -4.70 18.92 0.64
C GLU B 365 -3.42 18.86 1.47
N LEU B 366 -2.90 20.02 1.87
CA LEU B 366 -1.59 20.09 2.49
C LEU B 366 -1.66 21.05 3.65
N GLY B 367 -1.41 20.55 4.85
CA GLY B 367 -1.51 21.36 6.02
C GLY B 367 -0.73 20.81 7.18
N VAL B 368 -0.89 21.47 8.32
CA VAL B 368 -0.20 21.08 9.55
C VAL B 368 -1.23 20.68 10.59
N LEU B 369 -0.98 19.55 11.26
CA LEU B 369 -1.86 18.97 12.26
C LEU B 369 -1.16 19.13 13.63
N LEU B 370 -1.58 20.12 14.37
CA LEU B 370 -1.07 20.37 15.71
C LEU B 370 -1.91 19.59 16.70
N TYR B 371 -1.27 18.80 17.56
CA TYR B 371 -1.99 17.93 18.46
C TYR B 371 -1.44 17.97 19.89
N GLY B 372 -2.29 17.55 20.84
CA GLY B 372 -1.90 17.43 22.23
C GLY B 372 -2.39 18.56 23.11
N HIS B 373 -2.87 19.64 22.50
CA HIS B 373 -3.39 20.80 23.20
C HIS B 373 -4.83 20.51 23.67
N GLY B 374 -5.44 21.52 24.29
CA GLY B 374 -6.75 21.35 24.90
C GLY B 374 -7.85 20.96 23.93
N LYS B 375 -7.74 21.34 22.66
CA LYS B 375 -8.74 20.96 21.66
C LYS B 375 -8.31 19.75 20.83
N ASN B 376 -7.38 18.97 21.37
CA ASN B 376 -6.90 17.70 20.85
C ASN B 376 -6.08 17.83 19.58
N ALA B 377 -6.72 18.20 18.47
CA ALA B 377 -6.01 18.30 17.20
C ALA B 377 -6.65 19.35 16.32
N TYR B 378 -5.80 20.06 15.58
CA TYR B 378 -6.21 21.17 14.72
C TYR B 378 -5.38 21.10 13.44
N TRP B 379 -6.06 20.99 12.30
CA TRP B 379 -5.42 20.96 10.99
C TRP B 379 -5.61 22.31 10.31
N TYR B 380 -4.52 22.90 9.83
CA TYR B 380 -4.57 24.20 9.14
C TYR B 380 -3.80 24.08 7.83
N GLY B 381 -4.44 24.44 6.72
CA GLY B 381 -3.73 24.40 5.45
C GLY B 381 -4.63 24.59 4.25
N SER B 382 -4.09 24.22 3.09
CA SER B 382 -4.64 24.47 1.77
C SER B 382 -5.37 23.25 1.23
N GLN B 383 -6.49 23.49 0.54
CA GLN B 383 -7.25 22.45 -0.16
C GLN B 383 -7.33 22.74 -1.65
N LEU B 384 -6.26 23.29 -2.21
CA LEU B 384 -6.23 23.70 -3.61
C LEU B 384 -6.60 22.56 -4.56
N SER B 385 -7.59 22.83 -5.42
CA SER B 385 -8.06 21.89 -6.44
C SER B 385 -7.36 22.12 -7.77
N ILE B 386 -7.34 21.07 -8.59
CA ILE B 386 -6.78 21.19 -9.93
C ILE B 386 -7.61 22.17 -10.77
N GLU B 387 -8.92 22.20 -10.56
CA GLU B 387 -9.75 23.12 -11.36
C GLU B 387 -9.41 24.57 -11.06
N GLU B 388 -9.26 24.90 -9.77
CA GLU B 388 -8.88 26.27 -9.44
C GLU B 388 -7.49 26.59 -9.96
N THR B 389 -6.57 25.63 -9.83
CA THR B 389 -5.21 25.84 -10.34
C THR B 389 -5.24 26.31 -11.78
N ARG B 390 -5.95 25.59 -12.64
CA ARG B 390 -5.96 25.95 -14.06
C ARG B 390 -6.50 27.35 -14.29
N ARG B 391 -7.38 27.84 -13.42
CA ARG B 391 -7.95 29.17 -13.60
C ARG B 391 -6.93 30.27 -13.29
N ILE B 392 -5.95 30.01 -12.45
CA ILE B 392 -5.14 31.09 -11.88
C ILE B 392 -3.67 31.00 -12.22
N ALA B 393 -3.16 29.85 -12.67
CA ALA B 393 -1.74 29.77 -13.00
C ALA B 393 -1.52 28.69 -14.04
N PRO B 394 -0.69 28.94 -15.05
CA PRO B 394 -0.47 27.94 -16.10
C PRO B 394 0.65 26.96 -15.79
N ASP B 395 0.71 25.90 -16.60
CA ASP B 395 1.87 25.02 -16.71
C ASP B 395 2.16 24.21 -15.45
N GLN B 396 1.13 23.93 -14.63
CA GLN B 396 1.34 23.15 -13.42
C GLN B 396 0.03 22.58 -12.89
N ASN B 397 0.17 21.57 -12.02
CA ASN B 397 -0.96 21.00 -11.30
C ASN B 397 -1.03 21.63 -9.91
N ALA B 398 -1.97 21.15 -9.09
CA ALA B 398 -2.19 21.79 -7.79
C ALA B 398 -1.00 21.59 -6.87
N THR B 399 -0.36 20.43 -6.95
CA THR B 399 0.87 20.22 -6.19
C THR B 399 1.94 21.24 -6.57
N GLY B 400 2.18 21.40 -7.87
CA GLY B 400 3.17 22.36 -8.33
C GLY B 400 2.87 23.78 -7.87
N LEU B 401 1.60 24.18 -7.93
CA LEU B 401 1.29 25.59 -7.64
C LEU B 401 1.48 25.93 -6.16
N GLN B 402 1.21 24.99 -5.24
CA GLN B 402 1.54 25.25 -3.84
C GLN B 402 3.03 25.48 -3.64
N VAL B 403 3.86 24.81 -4.44
CA VAL B 403 5.31 24.93 -4.33
C VAL B 403 5.77 26.22 -4.99
N SER B 404 5.36 26.42 -6.24
CA SER B 404 5.83 27.58 -6.99
C SER B 404 5.39 28.87 -6.32
N SER B 405 4.17 28.91 -5.79
CA SER B 405 3.72 30.14 -5.11
C SER B 405 4.48 30.37 -3.80
N ALA B 406 4.96 29.30 -3.15
CA ALA B 406 5.82 29.46 -1.99
C ALA B 406 7.18 30.03 -2.38
N VAL B 407 7.72 29.57 -3.52
CA VAL B 407 8.97 30.13 -4.03
C VAL B 407 8.77 31.61 -4.32
N LEU B 408 7.66 31.96 -4.98
CA LEU B 408 7.30 33.36 -5.22
C LEU B 408 7.32 34.16 -3.93
N ALA B 409 6.64 33.67 -2.89
CA ALA B 409 6.60 34.36 -1.60
C ALA B 409 8.00 34.54 -1.01
N GLY B 410 8.82 33.48 -1.02
CA GLY B 410 10.18 33.60 -0.53
C GLY B 410 11.03 34.59 -1.33
N MET B 411 10.81 34.65 -2.65
CA MET B 411 11.52 35.64 -3.48
C MET B 411 11.13 37.05 -3.10
N VAL B 412 9.82 37.30 -2.95
CA VAL B 412 9.37 38.63 -2.49
C VAL B 412 10.03 38.97 -1.17
N TRP B 413 10.00 38.02 -0.22
CA TRP B 413 10.57 38.29 1.09
C TRP B 413 12.07 38.56 0.99
N ALA B 414 12.79 37.79 0.17
CA ALA B 414 14.23 38.01 0.08
C ALA B 414 14.55 39.36 -0.54
N LEU B 415 13.78 39.77 -1.54
CA LEU B 415 14.00 41.08 -2.15
C LEU B 415 13.66 42.20 -1.17
N GLU B 416 12.68 41.97 -0.31
CA GLU B 416 12.28 42.95 0.70
C GLU B 416 13.21 42.96 1.90
N ASN B 417 13.91 41.86 2.16
CA ASN B 417 14.82 41.69 3.30
C ASN B 417 16.11 41.10 2.76
N PRO B 418 16.89 41.88 1.99
CA PRO B 418 17.99 41.31 1.22
C PRO B 418 19.31 41.15 1.97
N ASN B 419 19.35 41.54 3.24
CA ASN B 419 20.58 41.50 4.04
C ASN B 419 20.44 40.61 5.27
N ALA B 420 19.59 39.58 5.17
CA ALA B 420 19.24 38.74 6.29
C ALA B 420 20.10 37.50 6.45
N GLY B 421 21.05 37.25 5.54
CA GLY B 421 21.87 36.06 5.62
C GLY B 421 21.10 34.80 5.29
N ILE B 422 21.65 33.67 5.73
CA ILE B 422 21.05 32.36 5.46
C ILE B 422 19.86 32.16 6.39
N VAL B 423 18.70 31.87 5.81
CA VAL B 423 17.46 31.78 6.59
C VAL B 423 16.65 30.61 6.10
N GLU B 424 15.79 30.10 6.99
CA GLU B 424 14.82 29.07 6.66
C GLU B 424 13.43 29.69 6.65
N ALA B 425 12.45 28.91 6.20
CA ALA B 425 11.09 29.46 6.14
C ALA B 425 10.61 29.86 7.52
N ASP B 426 11.11 29.20 8.57
CA ASP B 426 10.77 29.55 9.96
C ASP B 426 11.25 30.93 10.36
N ASP B 427 12.19 31.50 9.63
CA ASP B 427 12.77 32.80 9.95
C ASP B 427 12.09 33.96 9.23
N LEU B 428 11.26 33.68 8.22
CA LEU B 428 10.66 34.76 7.45
C LEU B 428 9.42 35.31 8.16
N ASP B 429 8.97 36.47 7.71
CA ASP B 429 7.72 37.07 8.18
C ASP B 429 6.57 36.26 7.60
N PHE B 430 5.98 35.38 8.42
CA PHE B 430 4.98 34.44 7.92
C PHE B 430 3.76 35.16 7.39
N ARG B 431 3.39 36.31 7.97
CA ARG B 431 2.21 37.01 7.47
C ARG B 431 2.48 37.58 6.09
N ARG B 432 3.63 38.22 5.89
CA ARG B 432 3.94 38.73 4.57
C ARG B 432 4.01 37.62 3.54
N CYS B 433 4.63 36.50 3.90
CA CYS B 433 4.74 35.40 2.95
C CYS B 433 3.38 34.85 2.56
N LEU B 434 2.50 34.62 3.55
CA LEU B 434 1.17 34.10 3.22
C LEU B 434 0.33 35.14 2.50
N GLU B 435 0.60 36.44 2.71
CA GLU B 435 -0.10 37.47 1.94
C GLU B 435 0.18 37.33 0.45
N VAL B 436 1.44 37.06 0.08
CA VAL B 436 1.83 36.85 -1.31
C VAL B 436 1.29 35.52 -1.82
N GLN B 437 1.35 34.49 -0.99
CA GLN B 437 1.08 33.14 -1.49
C GLN B 437 -0.43 32.83 -1.57
N THR B 438 -1.23 33.38 -0.65
CA THR B 438 -2.61 32.94 -0.52
C THR B 438 -3.45 33.01 -1.79
N PRO B 439 -3.24 33.96 -2.71
CA PRO B 439 -4.01 33.93 -3.98
C PRO B 439 -3.89 32.65 -4.77
N TYR B 440 -2.90 31.82 -4.46
CA TYR B 440 -2.64 30.57 -5.18
C TYR B 440 -2.91 29.32 -4.34
N LEU B 441 -3.56 29.46 -3.18
CA LEU B 441 -3.70 28.33 -2.26
C LEU B 441 -5.11 27.77 -2.19
N GLY B 442 -6.07 28.35 -2.90
CA GLY B 442 -7.43 27.86 -2.82
C GLY B 442 -7.97 28.01 -1.41
N PRO B 443 -8.88 27.13 -1.01
CA PRO B 443 -9.41 27.22 0.35
C PRO B 443 -8.29 26.98 1.36
N VAL B 444 -8.18 27.89 2.32
CA VAL B 444 -7.24 27.73 3.43
C VAL B 444 -8.09 27.74 4.68
N VAL B 445 -8.09 26.61 5.41
CA VAL B 445 -9.02 26.41 6.52
C VAL B 445 -8.31 25.81 7.72
N GLY B 446 -8.88 26.09 8.88
CA GLY B 446 -8.53 25.42 10.12
C GLY B 446 -9.68 24.58 10.62
N VAL B 447 -9.42 23.32 10.94
CA VAL B 447 -10.44 22.35 11.31
C VAL B 447 -9.97 21.62 12.56
N TYR B 448 -10.81 21.61 13.60
CA TYR B 448 -10.54 20.76 14.76
C TYR B 448 -11.12 19.37 14.57
N THR B 449 -10.51 18.40 15.23
CA THR B 449 -11.03 17.04 15.23
C THR B 449 -10.79 16.40 16.58
N ASP B 450 -11.69 15.47 16.96
CA ASP B 450 -11.49 14.65 18.15
C ASP B 450 -10.82 13.33 17.84
N TRP B 451 -10.47 13.06 16.58
CA TRP B 451 -9.74 11.84 16.24
C TRP B 451 -8.41 11.82 16.99
N THR B 452 -8.01 10.63 17.41
CA THR B 452 -6.65 10.40 17.88
C THR B 452 -6.14 9.11 17.27
N PRO B 453 -4.84 8.87 17.34
CA PRO B 453 -4.29 7.60 16.85
C PRO B 453 -4.83 6.37 17.55
N LEU B 454 -5.47 6.50 18.71
CA LEU B 454 -6.04 5.33 19.39
C LEU B 454 -7.49 5.08 19.05
N ALA B 455 -8.07 5.86 18.14
CA ALA B 455 -9.44 5.58 17.69
C ALA B 455 -9.58 4.12 17.27
N GLY B 456 -10.60 3.46 17.83
CA GLY B 456 -10.90 2.07 17.50
C GLY B 456 -9.95 1.04 18.05
N ARG B 457 -8.99 1.43 18.87
CA ARG B 457 -7.95 0.52 19.33
C ARG B 457 -8.00 0.33 20.84
N PRO B 458 -7.58 -0.84 21.35
CA PRO B 458 -7.08 -1.98 20.57
C PRO B 458 -8.17 -2.76 19.86
N GLY B 459 -7.80 -3.38 18.74
CA GLY B 459 -8.70 -4.25 18.00
C GLY B 459 -8.61 -5.68 18.51
N LEU B 460 -8.68 -6.65 17.61
CA LEU B 460 -8.72 -8.04 18.01
C LEU B 460 -7.34 -8.65 18.17
N PHE B 461 -6.27 -7.88 18.01
CA PHE B 461 -4.93 -8.37 18.24
C PHE B 461 -4.24 -7.55 19.33
N PRO B 462 -3.34 -8.16 20.09
CA PRO B 462 -2.56 -7.39 21.07
C PRO B 462 -1.79 -6.28 20.37
N GLU B 463 -1.78 -5.11 20.98
CA GLU B 463 -1.04 -3.97 20.46
C GLU B 463 -0.25 -3.34 21.60
N ASP B 464 0.93 -2.85 21.28
CA ASP B 464 1.69 -2.06 22.25
C ASP B 464 1.25 -0.61 22.07
N ILE B 465 0.37 -0.16 22.97
CA ILE B 465 -0.13 1.21 22.91
C ILE B 465 -0.02 1.83 24.29
N ASP B 466 -0.04 3.15 24.31
CA ASP B 466 0.00 3.96 25.52
C ASP B 466 -1.33 4.68 25.59
N THR B 467 -2.27 4.13 26.38
CA THR B 467 -3.59 4.73 26.48
C THR B 467 -3.61 5.99 27.32
N SER B 468 -2.55 6.29 28.05
CA SER B 468 -2.48 7.50 28.83
C SER B 468 -2.21 8.73 27.98
N ASP B 469 -1.79 8.54 26.73
CA ASP B 469 -1.28 9.65 25.91
C ASP B 469 -1.45 9.29 24.44
N PRO B 470 -2.64 9.53 23.88
CA PRO B 470 -2.96 9.00 22.55
C PRO B 470 -1.99 9.40 21.46
N TRP B 471 -1.36 10.56 21.56
CA TRP B 471 -0.55 11.06 20.46
C TRP B 471 0.93 10.67 20.55
N GLN B 472 1.32 9.88 21.55
CA GLN B 472 2.67 9.29 21.56
C GLN B 472 3.00 8.63 20.22
N PHE B 473 4.23 8.84 19.76
CA PHE B 473 4.71 8.15 18.56
C PHE B 473 4.52 6.64 18.65
N ARG B 474 4.64 6.07 19.85
CA ARG B 474 4.32 4.66 20.05
C ARG B 474 2.99 4.29 19.39
N ASN B 475 1.98 5.15 19.50
CA ASN B 475 0.66 4.85 18.97
C ASN B 475 0.52 5.23 17.50
N VAL B 476 1.29 6.22 17.06
CA VAL B 476 1.21 6.71 15.68
C VAL B 476 1.90 5.76 14.72
N LEU B 477 3.10 5.30 15.06
CA LEU B 477 3.89 4.49 14.14
C LEU B 477 3.20 3.17 13.89
N VAL B 478 3.12 2.80 12.61
CA VAL B 478 2.54 1.51 12.23
C VAL B 478 3.60 0.44 12.44
N ARG B 479 3.31 -0.51 13.32
CA ARG B 479 4.26 -1.54 13.74
C ARG B 479 3.63 -2.93 13.59
N AG2 C . -10.30 -39.60 2.64
CA AG2 C . -9.71 -38.46 3.32
CB AG2 C . -8.19 -38.52 3.17
CG AG2 C . -7.53 -37.37 3.93
CD AG2 C . -6.02 -37.37 3.72
NE AG2 C . -5.36 -36.35 4.50
CZ AG2 C . -5.15 -35.12 4.05
NH1 AG2 C . -5.52 -34.77 2.90
NH2 AG2 C . -4.53 -34.23 4.84
HN1 AG2 C . -11.14 -40.04 3.01
HN2 AG2 C . -9.88 -39.96 1.79
HA1 AG2 C . -10.09 -37.53 2.89
HA2 AG2 C . -9.97 -38.49 4.38
HB1 AG2 C . -7.93 -38.45 2.11
HB2 AG2 C . -7.82 -39.46 3.54
HG1 AG2 C . -7.74 -37.47 5.00
HG2 AG2 C . -7.94 -36.42 3.60
HD1 AG2 C . -5.81 -37.20 2.65
HD2 AG2 C . -5.61 -38.36 3.98
HE1 AG2 C . -5.04 -36.60 5.43
HH11 AG2 C . -5.97 -35.38 2.32
HH21 AG2 C . -4.23 -34.51 5.77
HH22 AG2 C . -4.37 -33.30 4.51
S SO4 D . 4.19 -32.38 14.12
O1 SO4 D . 3.04 -32.66 13.24
O2 SO4 D . 5.01 -33.60 14.27
O3 SO4 D . 5.02 -31.30 13.53
O4 SO4 D . 3.70 -31.94 15.44
PA NAD E . -20.41 -12.31 -2.45
O1A NAD E . -20.46 -11.83 -3.65
O2A NAD E . -20.19 -11.42 -1.42
O5B NAD E . -21.77 -13.00 -2.19
C5B NAD E . -22.10 -13.59 -1.02
C4B NAD E . -23.60 -13.89 -0.96
O4B NAD E . -23.96 -14.49 0.23
C3B NAD E . -24.43 -12.61 -1.05
O3B NAD E . -25.28 -12.57 -2.17
C2B NAD E . -25.21 -12.59 0.26
O2B NAD E . -26.47 -12.01 0.24
C1B NAD E . -25.22 -14.06 0.63
N9A NAD E . -25.50 -14.27 2.02
C8A NAD E . -25.22 -13.52 3.09
N7A NAD E . -25.68 -14.10 4.19
C5A NAD E . -26.28 -15.24 3.84
C6A NAD E . -26.97 -16.31 4.55
N6A NAD E . -27.07 -16.23 5.87
N1A NAD E . -27.40 -17.27 3.76
C2A NAD E . -27.27 -17.29 2.46
N3A NAD E . -26.66 -16.35 1.77
C4A NAD E . -26.11 -15.35 2.40
O3 NAD E . -19.33 -13.45 -2.33
PN NAD E . -18.74 -14.34 -3.48
O1N NAD E . -19.76 -14.96 -4.22
O2N NAD E . -17.77 -13.68 -4.20
O5D NAD E . -18.05 -15.38 -2.56
C5D NAD E . -18.81 -16.35 -1.96
C4D NAD E . -18.13 -17.33 -1.02
O4D NAD E . -17.06 -17.93 -1.69
C3D NAD E . -17.53 -16.55 0.12
O3D NAD E . -17.56 -17.21 1.37
C2D NAD E . -16.10 -16.41 -0.36
O2D NAD E . -15.14 -16.20 0.64
C1D NAD E . -15.84 -17.72 -1.08
N1N NAD E . -14.81 -17.68 -2.14
C2N NAD E . -13.93 -18.61 -2.26
C3N NAD E . -12.94 -18.59 -3.22
C7N NAD E . -11.90 -19.69 -3.41
O7N NAD E . -11.86 -20.61 -2.60
N7N NAD E . -11.17 -19.63 -4.45
C4N NAD E . -12.97 -17.52 -4.09
C5N NAD E . -13.99 -16.60 -4.00
C6N NAD E . -14.89 -16.70 -3.00
H51A NAD E . -21.82 -12.94 -0.20
H52A NAD E . -21.54 -14.53 -0.92
H4B NAD E . -23.87 -14.54 -1.81
H3B NAD E . -23.75 -11.75 -1.07
HO3A NAD E . -24.84 -12.08 -2.88
H2B NAD E . -24.60 -12.07 1.01
HO2A NAD E . -26.53 -11.40 -0.52
H1B NAD E . -25.99 -14.56 0.02
H8A NAD E . -24.68 -12.58 3.05
H61A NAD E . -26.69 -15.43 6.36
H62A NAD E . -27.55 -16.96 6.39
H2A NAD E . -27.66 -18.13 1.92
H51N NAD E . -19.29 -16.93 -2.75
H52N NAD E . -19.61 -15.85 -1.41
H4D NAD E . -18.85 -18.07 -0.65
H3D NAD E . -18.00 -15.57 0.18
HO3N NAD E . -18.45 -17.56 1.52
H2D NAD E . -16.06 -15.59 -1.10
HO2N NAD E . -15.43 -16.60 1.46
H1D NAD E . -15.62 -18.51 -0.35
H2N NAD E . -13.92 -19.42 -1.53
H71N NAD E . -10.50 -20.36 -4.61
H72N NAD E . -11.24 -18.87 -5.12
H4N NAD E . -12.28 -17.48 -4.92
H5N NAD E . -14.03 -15.76 -4.67
H6N NAD E . -15.64 -15.93 -2.86
N AG2 F . 18.96 34.58 11.37
CA AG2 F . 18.76 33.14 11.50
CB AG2 F . 17.95 32.85 12.75
CG AG2 F . 17.79 31.35 12.96
CD AG2 F . 16.96 31.06 14.20
NE AG2 F . 16.94 29.64 14.52
CZ AG2 F . 16.14 28.79 13.87
NH1 AG2 F . 16.16 27.57 14.18
NH2 AG2 F . 15.32 29.21 12.91
HN1 AG2 F . 18.84 35.18 12.16
HN2 AG2 F . 19.20 34.97 10.47
HA1 AG2 F . 18.26 32.75 10.62
HA2 AG2 F . 19.74 32.65 11.58
HB1 AG2 F . 16.96 33.30 12.65
HB2 AG2 F . 18.43 33.30 13.62
HG1 AG2 F . 18.79 30.90 13.07
HG2 AG2 F . 17.32 30.90 12.09
HD1 AG2 F . 15.94 31.41 14.04
HD2 AG2 F . 17.37 31.61 15.05
HE1 AG2 F . 17.55 29.30 15.25
HH11 AG2 F . 16.74 27.26 14.88
HH21 AG2 F . 15.30 30.19 12.65
HH22 AG2 F . 14.73 28.55 12.43
S SO4 G . 18.95 18.84 23.38
O1 SO4 G . 17.74 18.00 23.30
O2 SO4 G . 18.89 19.91 22.36
O3 SO4 G . 20.14 18.00 23.15
O4 SO4 G . 19.04 19.45 24.73
PA NAD H . 11.67 17.28 -11.62
O1A NAD H . 12.17 16.03 -11.50
O2A NAD H . 10.56 17.50 -12.22
O5B NAD H . 12.71 18.21 -12.34
C5B NAD H . 14.03 18.23 -11.96
C4B NAD H . 14.92 18.88 -13.00
O4B NAD H . 16.21 19.01 -12.58
C3B NAD H . 14.86 18.10 -14.29
O3B NAD H . 14.33 18.84 -15.31
C2B NAD H . 16.36 17.78 -14.55
O2B NAD H . 16.67 17.69 -15.90
C1B NAD H . 17.04 18.85 -13.70
N9A NAD H . 18.42 18.51 -13.44
C8A NAD H . 18.92 17.30 -13.23
N7A NAD H . 20.21 17.37 -13.02
C5A NAD H . 20.56 18.66 -13.10
C6A NAD H . 21.81 19.43 -12.98
N6A NAD H . 22.94 18.79 -12.68
N1A NAD H . 21.71 20.72 -13.15
C2A NAD H . 20.59 21.30 -13.38
N3A NAD H . 19.42 20.69 -13.50
C4A NAD H . 19.36 19.40 -13.33
O3 NAD H . 11.57 17.87 -10.17
PN NAD H . 10.61 19.01 -9.61
O1N NAD H . 9.40 18.47 -9.40
O2N NAD H . 10.69 20.18 -10.38
O5D NAD H . 11.29 19.22 -8.22
C5D NAD H . 12.43 19.98 -8.27
C4D NAD H . 13.15 20.07 -6.91
O4D NAD H . 12.36 20.60 -5.93
C3D NAD H . 13.51 18.70 -6.46
O3D NAD H . 14.77 18.78 -5.80
C2D NAD H . 12.43 18.43 -5.45
O2D NAD H . 12.84 17.59 -4.45
C1D NAD H . 12.18 19.81 -4.84
N1N NAD H . 10.82 20.01 -4.31
C2N NAD H . 10.55 20.59 -3.17
C3N NAD H . 9.24 20.73 -2.75
C7N NAD H . 8.87 21.43 -1.46
O7N NAD H . 9.73 21.89 -0.78
N7N NAD H . 7.64 21.59 -1.21
C4N NAD H . 8.23 20.30 -3.58
C5N NAD H . 8.55 19.75 -4.80
C6N NAD H . 9.86 19.65 -5.12
H51A NAD H . 14.36 17.20 -11.79
H52A NAD H . 14.12 18.77 -11.02
H4B NAD H . 14.52 19.88 -13.21
H3B NAD H . 14.29 17.18 -14.14
HO3A NAD H . 14.75 18.58 -16.15
H2B NAD H . 16.57 16.81 -14.08
HO2A NAD H . 17.62 17.69 -16.00
H1B NAD H . 17.02 19.78 -14.29
H8A NAD H . 18.35 16.38 -13.21
H61A NAD H . 22.94 17.79 -12.59
H62A NAD H . 23.81 19.30 -12.61
H2A NAD H . 20.61 22.38 -13.50
H51N NAD H . 13.12 19.53 -9.01
H52N NAD H . 12.18 20.98 -8.62
H4D NAD H . 14.07 20.66 -7.02
H3D NAD H . 13.49 17.98 -7.29
HO3N NAD H . 15.21 17.93 -5.86
H2D NAD H . 11.53 18.05 -5.95
HO2N NAD H . 12.11 17.02 -4.19
H1D NAD H . 12.94 20.02 -4.08
H2N NAD H . 11.35 20.93 -2.52
H71N NAD H . 7.37 22.08 -0.37
H72N NAD H . 6.89 21.22 -1.80
H4N NAD H . 7.20 20.44 -3.30
H5N NAD H . 7.78 19.38 -5.47
H6N NAD H . 10.13 19.16 -6.05
#